data_6KBD
#
_entry.id   6KBD
#
_cell.length_a   57.801
_cell.length_b   53.317
_cell.length_c   124.134
_cell.angle_alpha   90.00
_cell.angle_beta   97.78
_cell.angle_gamma   90.00
#
_symmetry.space_group_name_H-M   'P 1 21 1'
#
loop_
_entity.id
_entity.type
_entity.pdbx_description
1 polymer 'CRISPR system single-strand-specific deoxyribonuclease Cas10/Csm1 (subtype III-A),CRISPR system single-strand-specific deoxyribonuclease Cas10/Csm1 (subtype III-A)'
2 non-polymer "2'-DEOXYADENOSINE 5'-TRIPHOSPHATE"
3 non-polymer 'MAGNESIUM ION'
#
_entity_poly.entity_id   1
_entity_poly.type   'polypeptide(L)'
_entity_poly.pdbx_seq_one_letter_code
;MEIDELTALGGLLHDIGKPVQRAGLYSGDHSTQGARFLRDLAENTGRAEYELLSLFSEFHHKGHMKNDELMIRRIKELSP
ERFGLTMEDVLNALWIVYEADNLASGEREEGQPQASRPLYSVFNPGKAYPWAELDFEKELPVPGDVFSIRSQDYRELVKR
LWEELSKAKLRSDRLLPVLEKYLTFVSSVTSEGNIISLYDHMRMTSAIALAMLRAGCTAEDVRSGRCRKEKRFLLIEGDF
SGIQDFIYRVSGKGTLKYLRARSAYLELIGWDVVLEILSRLGLTRANVVFNAGGHFMIIAQNTPDAVKELEEIRAKAVEW
LYREFESDLYLAIEWEPVSGREFGREGGKNLFAEARKRLKHKLTVRKLKRFGEIKGLFEHGHTERLAECPVCGRELPEGK
LEPSASDPETKVCPTCNRLVSLGGNLPKLLGFGRTAKNDAGVLVEGPFSGFVPYLQGGRPVGEQILVKNTLNPGEIPESA
QFVPYFVADYFKKDPKGGVAMEFGDYVKRASGIARLGVLRLDVDNLGQAFTHGFMEQGNGKFNTISRTAAFSRMLSLFFR
QHINYVLARPKLRPITGDDPARPREATIIYSGGDDVFVVGAWDDVIEFGIELRERFHEFTQGKLTVSAGIGMFPDKYPIS
VMAREVGDLEDAAKSLPGKNGVALFDREFTFGWDELLSKVIEEKYRHIADYFSGNEERGMAFIYKLLELLAERDDRITKA
RWVYFLTRMRNPTGDTAPFQQFANRLHQWFQDPTDAKQLKTALHLYIYRTRKEESEHHHHHHHH
;
_entity_poly.pdbx_strand_id   A
#
loop_
_chem_comp.id
_chem_comp.type
_chem_comp.name
_chem_comp.formula
DTP non-polymer '2'-DEOXYADENOSINE 5'-TRIPHOSPHATE' 'C10 H16 N5 O12 P3'
MG non-polymer 'MAGNESIUM ION' 'Mg 2'
#
# COMPACT_ATOMS: atom_id res chain seq x y z
N ILE A 3 16.71 -1.38 -24.17
CA ILE A 3 17.41 -0.50 -23.22
C ILE A 3 16.51 0.05 -22.08
N ASP A 4 15.19 0.03 -22.26
CA ASP A 4 14.31 0.51 -21.20
C ASP A 4 14.15 -0.59 -20.17
N GLU A 5 13.84 -1.79 -20.70
CA GLU A 5 13.68 -3.03 -19.91
C GLU A 5 15.01 -3.35 -19.25
N LEU A 6 16.08 -3.32 -20.03
CA LEU A 6 17.39 -3.56 -19.46
C LEU A 6 17.58 -2.69 -18.24
N THR A 7 17.20 -1.44 -18.31
CA THR A 7 17.34 -0.57 -17.15
C THR A 7 16.33 -0.91 -16.03
N ALA A 8 15.10 -1.24 -16.41
CA ALA A 8 14.12 -1.68 -15.42
C ALA A 8 14.62 -2.84 -14.50
N LEU A 9 14.99 -3.96 -15.13
CA LEU A 9 15.45 -5.16 -14.46
C LEU A 9 16.84 -4.95 -13.91
N GLY A 10 17.76 -4.37 -14.69
CA GLY A 10 19.07 -3.86 -14.14
C GLY A 10 19.09 -3.22 -12.73
N GLY A 11 18.35 -2.13 -12.55
CA GLY A 11 18.19 -1.53 -11.23
C GLY A 11 17.56 -2.51 -10.26
N LEU A 12 16.60 -3.28 -10.77
CA LEU A 12 15.93 -4.32 -9.98
C LEU A 12 16.86 -5.36 -9.39
N LEU A 13 17.83 -5.78 -10.22
CA LEU A 13 18.71 -6.86 -9.88
C LEU A 13 20.09 -6.48 -9.47
N HIS A 14 20.49 -5.23 -9.61
CA HIS A 14 21.81 -4.79 -9.10
C HIS A 14 22.16 -5.33 -7.70
N ASP A 15 21.27 -5.34 -6.73
CA ASP A 15 21.66 -5.79 -5.39
C ASP A 15 21.38 -7.30 -5.18
N ILE A 16 21.05 -8.02 -6.24
CA ILE A 16 20.52 -9.36 -6.05
C ILE A 16 21.45 -10.25 -5.22
N GLY A 17 22.75 -10.06 -5.31
CA GLY A 17 23.67 -10.83 -4.53
C GLY A 17 23.82 -10.51 -3.05
N LYS A 18 23.04 -9.58 -2.49
CA LYS A 18 23.14 -9.37 -1.06
C LYS A 18 22.88 -10.69 -0.37
N PRO A 19 21.66 -11.31 -0.55
CA PRO A 19 21.38 -12.64 0.04
C PRO A 19 22.32 -13.77 -0.40
N VAL A 20 22.85 -13.63 -1.60
CA VAL A 20 23.78 -14.61 -2.09
C VAL A 20 25.12 -14.48 -1.34
N GLN A 21 25.61 -13.29 -1.05
CA GLN A 21 26.81 -13.21 -0.18
C GLN A 21 26.45 -13.55 1.27
N ARG A 22 25.27 -13.11 1.70
CA ARG A 22 24.88 -13.33 3.08
C ARG A 22 24.43 -14.74 3.28
N ALA A 23 24.67 -15.60 2.29
CA ALA A 23 24.44 -17.05 2.45
C ALA A 23 25.68 -17.90 2.14
N GLY A 24 26.74 -17.26 1.70
CA GLY A 24 28.01 -17.94 1.54
C GLY A 24 28.10 -18.85 0.34
N LEU A 25 27.18 -18.68 -0.59
CA LEU A 25 27.18 -19.48 -1.81
C LEU A 25 28.55 -19.44 -2.48
N ASP A 29 32.20 -9.98 -2.48
CA ASP A 29 31.08 -9.13 -2.05
C ASP A 29 29.79 -9.54 -2.75
N HIS A 30 28.76 -8.68 -2.64
CA HIS A 30 27.49 -8.94 -3.27
C HIS A 30 27.55 -8.71 -4.78
N SER A 31 28.49 -7.87 -5.22
CA SER A 31 28.66 -7.57 -6.63
C SER A 31 29.33 -8.72 -7.37
N THR A 32 30.14 -9.50 -6.65
CA THR A 32 30.84 -10.62 -7.24
C THR A 32 30.02 -11.90 -7.12
N GLN A 33 29.25 -12.01 -6.04
CA GLN A 33 28.42 -13.18 -5.82
C GLN A 33 27.15 -13.13 -6.67
N GLY A 34 26.41 -12.04 -6.55
CA GLY A 34 25.19 -11.86 -7.31
C GLY A 34 25.32 -12.02 -8.78
N ALA A 35 26.53 -11.80 -9.26
CA ALA A 35 26.83 -11.90 -10.64
C ALA A 35 26.95 -13.37 -11.04
N ARG A 36 27.69 -14.21 -10.26
CA ARG A 36 27.77 -15.66 -10.52
C ARG A 36 26.38 -16.27 -10.57
N PHE A 37 25.60 -15.97 -9.51
CA PHE A 37 24.15 -16.20 -9.41
C PHE A 37 23.37 -15.94 -10.72
N LEU A 38 23.53 -14.77 -11.32
CA LEU A 38 22.84 -14.51 -12.54
C LEU A 38 23.45 -15.20 -13.73
N ARG A 39 24.66 -15.70 -13.58
CA ARG A 39 25.35 -16.44 -14.63
C ARG A 39 24.98 -17.91 -14.49
N ASP A 40 24.88 -18.37 -13.25
CA ASP A 40 24.47 -19.74 -12.97
C ASP A 40 23.06 -19.86 -13.46
N LEU A 41 22.19 -18.96 -13.02
CA LEU A 41 20.81 -18.95 -13.46
C LEU A 41 20.70 -18.81 -14.96
N ALA A 42 21.63 -18.06 -15.55
CA ALA A 42 21.66 -17.85 -16.99
C ALA A 42 21.96 -19.15 -17.73
N GLU A 43 22.88 -19.93 -17.16
CA GLU A 43 23.28 -21.21 -17.77
C GLU A 43 22.59 -22.38 -17.08
N ASN A 44 21.35 -22.15 -16.64
CA ASN A 44 20.56 -23.18 -15.98
C ASN A 44 19.08 -23.08 -16.31
N THR A 45 18.73 -22.17 -17.19
CA THR A 45 17.35 -21.98 -17.62
C THR A 45 17.24 -21.84 -19.13
N GLY A 46 18.27 -21.26 -19.75
CA GLY A 46 18.29 -21.05 -21.16
C GLY A 46 17.73 -19.69 -21.50
N ARG A 47 18.13 -18.68 -20.72
CA ARG A 47 17.90 -17.30 -21.13
C ARG A 47 19.12 -16.50 -20.70
N ALA A 48 19.87 -16.02 -21.68
CA ALA A 48 21.16 -15.38 -21.45
C ALA A 48 20.95 -13.96 -20.97
N GLU A 49 19.73 -13.44 -21.15
CA GLU A 49 19.37 -12.13 -20.64
C GLU A 49 19.89 -11.88 -19.24
N TYR A 50 19.66 -12.86 -18.36
CA TYR A 50 20.24 -12.88 -16.97
C TYR A 50 21.75 -12.82 -16.97
N GLU A 51 22.36 -13.28 -18.05
CA GLU A 51 23.80 -13.28 -18.17
C GLU A 51 24.31 -11.86 -18.40
N LEU A 52 23.56 -11.09 -19.16
CA LEU A 52 23.92 -9.70 -19.46
C LEU A 52 23.54 -8.79 -18.31
N LEU A 53 22.47 -9.16 -17.62
CA LEU A 53 21.98 -8.39 -16.47
C LEU A 53 22.89 -8.58 -15.26
N SER A 54 23.51 -9.74 -15.17
CA SER A 54 24.42 -10.04 -14.08
C SER A 54 25.53 -8.99 -13.97
N LEU A 55 25.71 -8.22 -15.04
CA LEU A 55 26.71 -7.17 -15.08
C LEU A 55 26.39 -5.98 -14.22
N PHE A 56 25.12 -5.71 -14.03
CA PHE A 56 24.73 -4.62 -13.13
C PHE A 56 25.22 -4.84 -11.71
N SER A 57 25.24 -6.13 -11.28
CA SER A 57 25.83 -6.55 -10.00
C SER A 57 27.32 -6.55 -10.08
N GLU A 58 27.84 -6.91 -11.24
CA GLU A 58 29.29 -6.92 -11.36
C GLU A 58 29.89 -5.51 -11.12
N PHE A 59 29.10 -4.44 -11.37
CA PHE A 59 29.53 -3.04 -11.22
C PHE A 59 28.58 -2.20 -10.41
N LEU A 70 38.59 -3.18 -17.28
CA LEU A 70 37.88 -4.41 -16.93
C LEU A 70 36.43 -4.41 -17.45
N MET A 71 35.71 -3.32 -17.15
CA MET A 71 34.28 -3.15 -17.44
C MET A 71 34.05 -3.40 -18.93
N ILE A 72 34.64 -2.57 -19.78
CA ILE A 72 34.30 -2.58 -21.20
C ILE A 72 34.68 -3.91 -21.85
N ARG A 73 35.57 -4.68 -21.22
CA ARG A 73 35.94 -5.99 -21.70
C ARG A 73 35.19 -7.14 -21.02
N ARG A 74 34.41 -6.85 -19.98
CA ARG A 74 33.39 -7.80 -19.53
C ARG A 74 32.08 -7.60 -20.30
N ILE A 75 31.78 -6.38 -20.72
CA ILE A 75 30.66 -6.13 -21.64
C ILE A 75 31.02 -6.74 -23.00
N LYS A 76 32.33 -6.77 -23.30
CA LYS A 76 32.88 -7.43 -24.49
C LYS A 76 32.55 -8.90 -24.44
N GLU A 77 33.13 -9.62 -23.47
CA GLU A 77 33.06 -11.09 -23.37
C GLU A 77 31.65 -11.69 -23.69
N LEU A 78 30.61 -10.87 -23.50
CA LEU A 78 29.19 -11.25 -23.61
C LEU A 78 28.43 -10.81 -24.88
N SER A 79 29.05 -9.94 -25.69
CA SER A 79 28.52 -9.55 -27.01
C SER A 79 27.10 -8.94 -26.94
N PRO A 80 26.96 -7.72 -26.37
CA PRO A 80 25.65 -7.10 -26.12
C PRO A 80 24.66 -7.11 -27.32
N GLU A 81 25.19 -7.24 -28.53
CA GLU A 81 24.37 -7.17 -29.75
C GLU A 81 23.49 -8.40 -30.07
N ARG A 82 23.70 -9.54 -29.39
CA ARG A 82 22.81 -10.73 -29.55
C ARG A 82 21.34 -10.56 -29.05
N PHE A 83 21.05 -9.37 -28.51
CA PHE A 83 19.71 -8.95 -28.14
C PHE A 83 19.18 -7.85 -29.05
N GLY A 84 19.96 -6.79 -29.15
CA GLY A 84 19.58 -5.56 -29.83
C GLY A 84 20.23 -4.36 -29.18
N LEU A 85 21.38 -4.56 -28.53
CA LEU A 85 21.92 -3.64 -27.54
C LEU A 85 23.33 -3.27 -27.92
N THR A 86 23.50 -2.01 -28.32
CA THR A 86 24.81 -1.48 -28.59
C THR A 86 25.61 -1.53 -27.31
N MET A 87 26.91 -1.79 -27.44
CA MET A 87 27.81 -1.65 -26.30
C MET A 87 27.68 -0.24 -25.69
N GLU A 88 27.17 0.71 -26.47
CA GLU A 88 26.79 2.04 -25.98
C GLU A 88 25.61 2.02 -24.99
N ASP A 89 24.40 1.70 -25.48
CA ASP A 89 23.22 1.42 -24.65
C ASP A 89 23.54 0.71 -23.31
N VAL A 90 24.24 -0.44 -23.39
CA VAL A 90 24.62 -1.20 -22.18
C VAL A 90 25.47 -0.39 -21.21
N LEU A 91 26.48 0.35 -21.65
CA LEU A 91 27.19 1.21 -20.68
C LEU A 91 26.31 2.34 -20.14
N ASN A 92 25.33 2.80 -20.92
CA ASN A 92 24.42 3.86 -20.47
C ASN A 92 23.67 3.43 -19.20
N ALA A 93 22.97 2.30 -19.33
CA ALA A 93 22.24 1.68 -18.21
C ALA A 93 23.17 1.25 -17.05
N LEU A 94 24.41 0.90 -17.31
CA LEU A 94 25.27 0.55 -16.20
C LEU A 94 25.58 1.75 -15.31
N TRP A 95 25.45 2.98 -15.81
CA TRP A 95 25.76 4.20 -15.01
C TRP A 95 24.51 4.89 -14.42
N ILE A 96 23.50 5.09 -15.29
CA ILE A 96 22.09 5.35 -14.91
C ILE A 96 21.76 4.51 -13.67
N VAL A 97 22.01 3.19 -13.72
CA VAL A 97 21.68 2.28 -12.63
C VAL A 97 22.63 2.45 -11.49
N TYR A 98 23.93 2.50 -11.77
CA TYR A 98 24.89 2.95 -10.76
C TYR A 98 24.32 4.06 -9.92
N GLU A 99 24.01 5.19 -10.54
CA GLU A 99 23.59 6.35 -9.73
C GLU A 99 22.13 6.41 -9.34
N ALA A 100 21.27 5.65 -10.00
CA ALA A 100 19.95 5.38 -9.46
C ALA A 100 20.11 4.67 -8.08
N ASP A 101 21.15 3.84 -7.93
CA ASP A 101 21.45 3.16 -6.67
C ASP A 101 21.91 4.15 -5.64
N ASN A 102 22.64 5.15 -6.07
CA ASN A 102 23.15 6.21 -5.17
C ASN A 102 22.15 7.34 -4.80
N LEU A 103 21.22 7.62 -5.72
CA LEU A 103 20.08 8.45 -5.41
C LEU A 103 19.15 7.79 -4.39
N ALA A 104 18.63 6.60 -4.68
CA ALA A 104 17.82 5.89 -3.68
C ALA A 104 18.62 5.73 -2.32
N SER A 105 19.94 5.98 -2.35
CA SER A 105 20.73 6.32 -1.14
C SER A 105 21.01 5.04 -0.42
N SER A 116 25.06 -10.45 8.43
CA SER A 116 24.39 -11.36 9.40
C SER A 116 23.66 -10.50 10.44
N ARG A 117 22.81 -9.63 9.90
CA ARG A 117 22.06 -8.64 10.68
C ARG A 117 20.66 -8.61 10.14
N PRO A 118 19.79 -7.83 10.79
CA PRO A 118 18.45 -7.85 10.26
C PRO A 118 18.04 -6.55 9.53
N LEU A 119 16.73 -6.41 9.30
CA LEU A 119 16.04 -5.17 8.87
C LEU A 119 15.26 -4.66 10.06
N TYR A 120 15.63 -3.51 10.59
CA TYR A 120 14.99 -3.01 11.77
C TYR A 120 13.66 -2.41 11.36
N SER A 121 12.79 -2.16 12.33
CA SER A 121 11.48 -1.61 12.02
C SER A 121 11.54 -0.12 11.83
N VAL A 122 10.71 0.38 10.94
CA VAL A 122 10.42 1.82 10.83
C VAL A 122 10.16 2.44 12.23
N PHE A 123 9.17 1.92 12.96
CA PHE A 123 8.76 2.53 14.23
C PHE A 123 9.85 2.44 15.26
N ASN A 124 10.09 1.25 15.80
CA ASN A 124 11.13 1.07 16.80
C ASN A 124 12.41 0.65 16.06
N PRO A 125 13.55 1.35 16.28
CA PRO A 125 14.73 0.86 15.56
C PRO A 125 15.61 -0.12 16.36
N GLY A 126 15.18 -0.57 17.53
CA GLY A 126 15.91 -1.61 18.28
C GLY A 126 15.21 -2.95 18.34
N LYS A 127 13.95 -3.04 17.89
CA LYS A 127 13.34 -4.34 17.56
C LYS A 127 13.52 -4.64 16.08
N ALA A 128 13.59 -5.93 15.73
CA ALA A 128 13.81 -6.36 14.33
C ALA A 128 13.26 -7.73 13.95
N TYR A 129 12.98 -7.96 12.67
CA TYR A 129 12.42 -9.25 12.28
C TYR A 129 13.41 -10.14 11.65
N PRO A 130 13.09 -11.42 11.74
CA PRO A 130 13.67 -12.60 11.14
C PRO A 130 13.21 -12.60 9.72
N TRP A 131 14.05 -13.01 8.79
CA TRP A 131 13.59 -12.99 7.43
C TRP A 131 12.46 -13.97 7.33
N ALA A 132 11.32 -13.44 6.98
CA ALA A 132 10.17 -14.24 6.71
C ALA A 132 9.77 -13.99 5.29
N GLU A 133 8.85 -14.80 4.80
CA GLU A 133 8.33 -14.65 3.45
C GLU A 133 7.14 -13.68 3.47
N LEU A 134 6.87 -13.06 2.32
CA LEU A 134 5.77 -12.13 2.19
C LEU A 134 4.51 -12.81 1.64
N ASP A 135 4.46 -14.12 1.68
CA ASP A 135 3.28 -14.85 1.20
C ASP A 135 3.16 -16.27 1.76
N PHE A 136 3.61 -16.49 2.97
CA PHE A 136 3.55 -17.79 3.57
C PHE A 136 2.86 -17.47 4.90
N GLU A 137 1.86 -18.29 5.23
CA GLU A 137 1.24 -18.37 6.54
C GLU A 137 0.14 -17.35 6.86
N LYS A 138 -0.18 -16.47 5.90
CA LYS A 138 -1.19 -15.45 6.11
C LYS A 138 -0.62 -14.29 6.92
N GLU A 139 0.59 -14.45 7.42
CA GLU A 139 1.25 -13.43 8.24
C GLU A 139 2.74 -13.40 7.94
N LEU A 140 3.38 -12.30 8.30
CA LEU A 140 4.84 -12.17 8.06
C LEU A 140 5.52 -11.15 8.97
N PRO A 141 4.78 -10.69 9.98
CA PRO A 141 5.31 -9.69 10.94
C PRO A 141 6.02 -10.32 12.12
N VAL A 142 5.41 -10.20 13.30
CA VAL A 142 5.93 -10.74 14.57
C VAL A 142 7.45 -10.70 14.74
N PRO A 143 8.01 -9.48 14.84
CA PRO A 143 9.45 -9.29 15.05
C PRO A 143 9.78 -9.32 16.53
N GLY A 144 11.05 -9.14 16.89
CA GLY A 144 11.43 -9.12 18.27
C GLY A 144 12.79 -8.54 18.50
N ASP A 145 13.10 -8.31 19.76
CA ASP A 145 14.41 -7.74 20.13
C ASP A 145 15.51 -8.24 19.16
N VAL A 146 16.72 -7.66 19.22
CA VAL A 146 17.74 -7.94 18.19
C VAL A 146 18.11 -9.43 18.05
N PHE A 147 17.48 -10.07 17.05
CA PHE A 147 17.86 -11.39 16.55
C PHE A 147 18.52 -11.16 15.19
N SER A 148 19.82 -11.52 15.06
CA SER A 148 20.64 -11.33 13.85
C SER A 148 20.76 -12.66 13.05
N ILE A 149 20.59 -12.57 11.72
CA ILE A 149 20.16 -13.70 10.90
C ILE A 149 21.29 -14.61 10.41
N ARG A 150 21.11 -15.92 10.63
CA ARG A 150 22.13 -16.91 10.22
C ARG A 150 22.18 -17.07 8.71
N SER A 151 23.19 -17.80 8.24
CA SER A 151 23.36 -18.06 6.82
C SER A 151 22.34 -19.08 6.37
N GLN A 152 22.15 -20.14 7.16
CA GLN A 152 21.07 -21.13 6.94
C GLN A 152 19.77 -20.48 6.50
N ASP A 153 19.36 -19.46 7.23
CA ASP A 153 18.20 -18.58 6.88
C ASP A 153 18.29 -17.94 5.45
N TYR A 154 19.44 -17.37 5.15
CA TYR A 154 19.67 -16.75 3.84
C TYR A 154 19.83 -17.82 2.79
N ARG A 155 19.87 -19.08 3.20
CA ARG A 155 20.19 -20.19 2.30
C ARG A 155 18.92 -20.87 1.82
N GLU A 156 17.92 -20.97 2.68
CA GLU A 156 16.59 -21.39 2.24
C GLU A 156 15.86 -20.28 1.48
N LEU A 157 16.28 -19.02 1.63
CA LEU A 157 15.67 -17.87 0.93
C LEU A 157 16.05 -17.84 -0.47
N VAL A 158 17.32 -18.14 -0.66
CA VAL A 158 17.95 -18.21 -1.95
C VAL A 158 17.48 -19.44 -2.69
N LYS A 159 17.31 -20.55 -1.97
CA LYS A 159 16.56 -21.76 -2.43
C LYS A 159 15.26 -21.44 -3.10
N ARG A 160 14.53 -20.45 -2.62
CA ARG A 160 13.25 -20.11 -3.23
C ARG A 160 13.52 -19.15 -4.38
N LEU A 161 13.80 -17.91 -4.01
CA LEU A 161 14.13 -16.85 -4.92
C LEU A 161 14.67 -17.45 -6.17
N TRP A 162 15.65 -18.33 -6.07
CA TRP A 162 16.24 -18.92 -7.27
C TRP A 162 15.21 -19.62 -8.11
N GLU A 163 14.42 -20.49 -7.49
CA GLU A 163 13.32 -21.18 -8.21
C GLU A 163 12.30 -20.25 -8.88
N GLU A 164 11.85 -19.28 -8.13
CA GLU A 164 10.98 -18.30 -8.68
C GLU A 164 11.68 -17.41 -9.69
N LEU A 165 12.94 -17.14 -9.53
CA LEU A 165 13.66 -16.44 -10.59
C LEU A 165 13.69 -17.32 -11.88
N SER A 166 14.08 -18.57 -11.74
CA SER A 166 14.07 -19.59 -12.83
C SER A 166 12.75 -19.72 -13.61
N LYS A 167 11.64 -19.62 -12.91
CA LYS A 167 10.33 -19.78 -13.54
C LYS A 167 9.69 -18.47 -13.97
N ALA A 168 10.19 -17.31 -13.53
CA ALA A 168 9.60 -16.02 -13.90
C ALA A 168 9.97 -15.62 -15.32
N LYS A 169 9.08 -14.85 -15.97
CA LYS A 169 9.42 -14.09 -17.18
C LYS A 169 10.29 -12.90 -16.82
N LEU A 170 11.25 -12.59 -17.69
CA LEU A 170 12.21 -11.53 -17.41
C LEU A 170 11.61 -10.20 -17.75
N ARG A 171 10.78 -9.74 -16.85
CA ARG A 171 9.99 -8.57 -17.14
C ARG A 171 9.53 -7.98 -15.79
N SER A 172 9.53 -6.66 -15.61
CA SER A 172 9.19 -6.08 -14.29
C SER A 172 7.94 -6.69 -13.64
N ASP A 173 6.83 -6.56 -14.31
CA ASP A 173 5.59 -6.92 -13.68
C ASP A 173 5.65 -8.27 -12.96
N ARG A 174 6.41 -9.22 -13.50
CA ARG A 174 6.60 -10.55 -12.90
C ARG A 174 7.79 -10.71 -12.02
N LEU A 175 8.82 -9.91 -12.26
CA LEU A 175 10.00 -9.96 -11.42
C LEU A 175 9.86 -9.21 -10.11
N LEU A 176 9.00 -8.18 -10.09
CA LEU A 176 8.79 -7.37 -8.90
C LEU A 176 8.26 -8.18 -7.75
N PRO A 177 7.15 -8.91 -7.93
CA PRO A 177 6.60 -9.65 -6.81
C PRO A 177 7.42 -10.86 -6.33
N VAL A 178 8.34 -11.37 -7.12
CA VAL A 178 9.23 -12.40 -6.64
C VAL A 178 10.16 -11.75 -5.62
N LEU A 179 10.61 -10.53 -5.95
CA LEU A 179 11.50 -9.76 -5.05
C LEU A 179 10.75 -9.21 -3.87
N GLU A 180 9.55 -8.74 -4.16
CA GLU A 180 8.68 -8.37 -3.07
C GLU A 180 8.53 -9.56 -2.14
N LYS A 181 8.30 -10.75 -2.71
CA LYS A 181 7.90 -11.93 -1.94
C LYS A 181 9.05 -12.34 -1.07
N TYR A 182 10.22 -12.54 -1.64
CA TYR A 182 11.35 -13.03 -0.82
C TYR A 182 12.17 -12.00 -0.06
N LEU A 183 12.18 -10.75 -0.50
CA LEU A 183 13.08 -9.73 0.04
C LEU A 183 12.46 -8.64 0.89
N THR A 184 11.19 -8.74 1.26
CA THR A 184 10.49 -7.63 1.95
C THR A 184 11.10 -7.38 3.33
N PHE A 185 11.46 -8.48 3.96
CA PHE A 185 12.01 -8.48 5.25
C PHE A 185 13.43 -8.94 5.08
N VAL A 186 14.18 -8.21 4.27
CA VAL A 186 15.63 -8.31 4.13
C VAL A 186 16.21 -6.88 4.08
N SER A 187 17.28 -6.67 4.80
CA SER A 187 17.85 -5.35 5.00
C SER A 187 18.61 -4.95 3.77
N SER A 188 18.35 -3.77 3.21
CA SER A 188 19.05 -3.31 1.99
C SER A 188 20.52 -2.97 2.19
N VAL A 189 20.85 -2.45 3.37
CA VAL A 189 22.24 -2.38 3.83
C VAL A 189 22.25 -2.96 5.23
N THR A 190 23.11 -3.95 5.46
CA THR A 190 23.21 -4.57 6.80
C THR A 190 23.90 -3.65 7.84
N SER A 191 23.76 -2.33 7.72
CA SER A 191 23.99 -1.39 8.83
C SER A 191 22.98 -1.78 9.86
N GLU A 192 23.24 -1.52 11.13
CA GLU A 192 22.18 -1.64 12.14
C GLU A 192 21.19 -0.47 12.04
N GLY A 193 20.01 -0.70 12.61
CA GLY A 193 18.88 0.20 12.47
C GLY A 193 18.41 0.47 11.03
N ASN A 194 18.77 -0.40 10.10
CA ASN A 194 18.29 -0.25 8.77
C ASN A 194 16.81 -0.56 8.76
N ILE A 195 16.03 0.47 8.44
CA ILE A 195 14.62 0.36 8.28
C ILE A 195 14.21 -0.09 6.87
N ILE A 196 15.06 0.17 5.87
CA ILE A 196 14.73 -0.02 4.44
C ILE A 196 14.93 -1.43 3.98
N SER A 197 13.89 -2.09 3.49
CA SER A 197 14.10 -3.45 3.05
C SER A 197 14.78 -3.47 1.72
N LEU A 198 15.32 -4.62 1.35
CA LEU A 198 16.10 -4.73 0.14
C LEU A 198 15.18 -4.60 -1.06
N TYR A 199 13.91 -4.99 -0.90
CA TYR A 199 12.91 -4.84 -1.96
C TYR A 199 12.54 -3.33 -2.18
N ASP A 200 12.28 -2.56 -1.13
CA ASP A 200 12.20 -1.10 -1.30
C ASP A 200 13.46 -0.39 -1.82
N HIS A 201 14.66 -0.88 -1.53
CA HIS A 201 15.86 -0.43 -2.27
C HIS A 201 15.77 -0.74 -3.78
N MET A 202 15.61 -2.01 -4.12
CA MET A 202 15.70 -2.39 -5.51
C MET A 202 14.65 -1.69 -6.39
N ARG A 203 13.44 -1.54 -5.86
CA ARG A 203 12.35 -0.90 -6.59
C ARG A 203 12.73 0.55 -6.87
N MET A 204 13.12 1.25 -5.81
CA MET A 204 13.55 2.69 -5.93
C MET A 204 14.74 2.87 -6.89
N THR A 205 15.77 2.08 -6.65
CA THR A 205 16.85 1.98 -7.58
C THR A 205 16.21 1.83 -8.96
N SER A 206 15.32 0.85 -9.14
CA SER A 206 14.68 0.63 -10.46
C SER A 206 13.80 1.82 -10.90
N ALA A 207 13.04 2.37 -9.96
CA ALA A 207 12.11 3.40 -10.30
C ALA A 207 12.93 4.47 -10.92
N ILE A 208 14.04 4.78 -10.24
CA ILE A 208 14.78 5.99 -10.55
C ILE A 208 15.54 5.77 -11.84
N ALA A 209 16.15 4.62 -12.01
CA ALA A 209 16.82 4.30 -13.28
C ALA A 209 15.88 4.45 -14.46
N LEU A 210 14.74 3.79 -14.44
CA LEU A 210 13.84 3.79 -15.60
C LEU A 210 13.42 5.15 -16.03
N ALA A 211 13.53 6.14 -15.14
CA ALA A 211 13.15 7.52 -15.44
C ALA A 211 14.31 8.39 -15.92
N MET A 212 15.44 8.37 -15.23
CA MET A 212 16.66 8.89 -15.86
C MET A 212 16.63 8.56 -17.33
N LEU A 213 16.51 7.28 -17.66
CA LEU A 213 16.54 6.86 -19.05
C LEU A 213 15.40 7.47 -19.87
N ARG A 214 14.20 7.57 -19.30
CA ARG A 214 13.12 8.27 -19.95
C ARG A 214 13.36 9.79 -19.94
N ALA A 215 14.27 10.26 -19.08
CA ALA A 215 14.66 11.66 -19.00
C ALA A 215 15.96 11.97 -19.76
N GLY A 216 16.33 11.13 -20.73
CA GLY A 216 17.64 11.23 -21.44
C GLY A 216 18.87 11.63 -20.62
N CYS A 217 19.21 10.86 -19.59
CA CYS A 217 20.52 10.92 -19.00
C CYS A 217 21.33 9.91 -19.82
N THR A 218 22.52 10.29 -20.24
CA THR A 218 23.55 9.41 -20.80
C THR A 218 24.59 9.29 -19.74
N ALA A 219 25.58 8.43 -19.98
CA ALA A 219 26.67 8.29 -19.05
C ALA A 219 27.39 9.62 -18.80
N GLU A 220 27.44 10.48 -19.82
CA GLU A 220 28.09 11.77 -19.71
C GLU A 220 27.42 12.64 -18.64
N ASP A 221 26.08 12.59 -18.58
CA ASP A 221 25.32 13.37 -17.62
C ASP A 221 25.51 12.85 -16.21
N VAL A 222 25.38 11.54 -16.05
CA VAL A 222 25.55 10.90 -14.74
C VAL A 222 26.88 11.28 -14.10
N ARG A 223 27.97 11.05 -14.82
CA ARG A 223 29.32 11.34 -14.33
C ARG A 223 29.45 12.83 -13.96
N SER A 224 28.94 13.70 -14.84
CA SER A 224 29.01 15.14 -14.60
C SER A 224 28.18 15.56 -13.40
N GLY A 225 27.50 14.61 -12.78
CA GLY A 225 26.66 14.86 -11.63
C GLY A 225 25.41 15.65 -11.95
N ARG A 226 25.05 15.70 -13.24
CA ARG A 226 23.86 16.48 -13.69
C ARG A 226 22.53 15.82 -13.41
N CYS A 227 22.46 14.47 -13.36
CA CYS A 227 21.22 13.80 -12.90
C CYS A 227 21.08 13.97 -11.43
N ARG A 228 22.07 14.59 -10.76
CA ARG A 228 21.94 15.01 -9.37
C ARG A 228 21.60 16.49 -9.04
N LYS A 229 21.71 17.47 -9.96
CA LYS A 229 21.18 18.85 -9.71
C LYS A 229 20.13 19.34 -10.69
N GLU A 230 20.30 19.03 -11.97
CA GLU A 230 19.17 19.21 -12.88
C GLU A 230 17.88 18.55 -12.32
N LYS A 231 16.82 19.33 -12.33
CA LYS A 231 15.53 18.83 -11.94
C LYS A 231 14.98 17.90 -13.02
N ARG A 232 15.50 16.67 -13.08
CA ARG A 232 15.17 15.73 -14.17
C ARG A 232 13.99 14.85 -13.90
N PHE A 233 13.60 14.74 -12.63
CA PHE A 233 12.42 13.93 -12.20
C PHE A 233 11.23 14.80 -11.90
N LEU A 234 10.07 14.28 -12.25
CA LEU A 234 8.83 14.65 -11.61
C LEU A 234 8.45 13.71 -10.43
N LEU A 235 8.08 14.33 -9.31
CA LEU A 235 7.36 13.66 -8.24
C LEU A 235 5.89 13.88 -8.55
N ILE A 236 5.22 12.88 -9.10
CA ILE A 236 3.81 13.00 -9.44
C ILE A 236 3.04 12.56 -8.20
N GLU A 237 2.01 13.33 -7.82
CA GLU A 237 1.19 12.98 -6.65
C GLU A 237 -0.28 13.25 -6.93
N GLY A 238 -1.12 12.31 -6.55
CA GLY A 238 -2.55 12.45 -6.80
C GLY A 238 -3.33 12.06 -5.59
N ASP A 239 -4.43 12.72 -5.33
CA ASP A 239 -5.14 12.47 -4.11
C ASP A 239 -6.60 12.78 -4.37
N PHE A 240 -7.43 11.81 -4.04
CA PHE A 240 -8.88 11.89 -4.20
C PHE A 240 -9.57 12.70 -3.05
N SER A 241 -10.61 13.43 -3.46
CA SER A 241 -11.49 14.18 -2.59
C SER A 241 -12.97 13.84 -2.84
N GLY A 242 -13.83 14.23 -1.92
CA GLY A 242 -15.21 13.82 -2.02
C GLY A 242 -15.44 12.30 -2.00
N ILE A 243 -14.52 11.54 -1.42
CA ILE A 243 -14.70 10.08 -1.25
C ILE A 243 -15.79 9.77 -0.27
N GLN A 244 -15.77 10.41 0.89
CA GLN A 244 -16.83 10.20 1.87
C GLN A 244 -18.18 10.26 1.16
N ASP A 245 -18.41 11.30 0.33
CA ASP A 245 -19.66 11.46 -0.48
C ASP A 245 -19.78 10.64 -1.76
N PHE A 246 -18.68 10.05 -2.21
CA PHE A 246 -18.78 9.00 -3.22
C PHE A 246 -19.28 7.70 -2.56
N ILE A 247 -18.52 7.19 -1.61
CA ILE A 247 -18.75 5.85 -1.09
C ILE A 247 -20.05 5.78 -0.31
N TYR A 248 -20.37 6.83 0.45
CA TYR A 248 -21.55 6.85 1.32
C TYR A 248 -22.55 7.93 0.85
N ARG A 249 -23.63 7.54 0.22
CA ARG A 249 -24.55 8.55 -0.28
C ARG A 249 -25.89 7.98 -0.62
N VAL A 250 -26.00 6.66 -0.55
CA VAL A 250 -27.26 5.99 -0.85
C VAL A 250 -28.06 5.75 0.42
N SER A 251 -29.37 5.55 0.26
CA SER A 251 -30.24 5.28 1.41
C SER A 251 -30.52 3.79 1.58
N GLY A 252 -31.79 3.43 1.70
CA GLY A 252 -32.17 2.04 1.84
C GLY A 252 -31.61 1.18 0.72
N LYS A 253 -31.80 1.62 -0.50
CA LYS A 253 -31.29 0.88 -1.65
C LYS A 253 -29.78 0.80 -1.65
N GLY A 254 -29.22 -0.30 -1.11
CA GLY A 254 -27.76 -0.46 -1.05
C GLY A 254 -27.36 -1.41 0.08
N THR A 255 -27.22 -2.68 -0.28
CA THR A 255 -26.81 -3.70 0.67
C THR A 255 -25.30 -3.76 0.83
N LEU A 256 -24.82 -4.62 1.74
CA LEU A 256 -23.37 -4.77 1.91
C LEU A 256 -22.74 -5.19 0.61
N LYS A 257 -23.52 -5.81 -0.26
CA LYS A 257 -23.05 -6.24 -1.57
C LYS A 257 -22.77 -5.05 -2.47
N TYR A 258 -23.41 -3.91 -2.21
CA TYR A 258 -23.17 -2.72 -3.03
C TYR A 258 -22.05 -1.82 -2.48
N LEU A 259 -22.13 -1.51 -1.20
CA LEU A 259 -21.12 -0.74 -0.49
C LEU A 259 -19.65 -1.24 -0.65
N ARG A 260 -19.50 -2.55 -0.77
CA ARG A 260 -18.20 -3.18 -0.94
C ARG A 260 -17.72 -3.04 -2.37
N ALA A 261 -18.61 -3.26 -3.33
CA ALA A 261 -18.24 -3.11 -4.75
C ALA A 261 -18.21 -1.67 -5.14
N ARG A 262 -19.00 -0.80 -4.51
CA ARG A 262 -18.83 0.64 -4.70
C ARG A 262 -17.44 1.14 -4.24
N SER A 263 -16.99 0.65 -3.07
CA SER A 263 -15.60 0.79 -2.55
C SER A 263 -14.54 0.17 -3.46
N ALA A 264 -14.85 -0.98 -4.03
CA ALA A 264 -13.98 -1.63 -4.99
C ALA A 264 -13.83 -0.81 -6.28
N TYR A 265 -14.91 -0.20 -6.77
CA TYR A 265 -14.92 0.55 -8.02
C TYR A 265 -14.01 1.76 -7.92
N LEU A 266 -13.96 2.33 -6.72
CA LEU A 266 -13.01 3.43 -6.38
C LEU A 266 -11.52 3.02 -6.52
N GLU A 267 -11.12 1.93 -5.87
CA GLU A 267 -9.79 1.46 -6.08
C GLU A 267 -9.54 1.36 -7.55
N LEU A 268 -10.55 0.94 -8.29
CA LEU A 268 -10.42 0.72 -9.73
C LEU A 268 -10.30 1.99 -10.51
N ILE A 269 -11.10 2.99 -10.17
CA ILE A 269 -10.82 4.32 -10.72
C ILE A 269 -9.29 4.64 -10.48
N GLY A 270 -8.89 4.47 -9.23
CA GLY A 270 -7.55 4.82 -8.79
C GLY A 270 -6.44 4.12 -9.54
N TRP A 271 -6.53 2.79 -9.55
CA TRP A 271 -5.70 1.94 -10.40
C TRP A 271 -5.73 2.39 -11.82
N ASP A 272 -6.92 2.68 -12.36
CA ASP A 272 -7.04 3.14 -13.73
C ASP A 272 -6.30 4.45 -14.03
N VAL A 273 -6.28 5.37 -13.06
CA VAL A 273 -5.42 6.56 -13.22
C VAL A 273 -3.91 6.18 -13.20
N VAL A 274 -3.52 5.38 -12.21
CA VAL A 274 -2.13 5.00 -11.96
C VAL A 274 -1.61 4.16 -13.08
N LEU A 275 -2.29 3.10 -13.46
CA LEU A 275 -1.83 2.29 -14.60
C LEU A 275 -1.76 3.10 -15.92
N GLU A 276 -2.69 4.04 -16.14
CA GLU A 276 -2.64 4.94 -17.30
C GLU A 276 -1.44 5.88 -17.24
N ILE A 277 -1.29 6.63 -16.17
CA ILE A 277 -0.02 7.31 -15.98
C ILE A 277 1.17 6.42 -16.36
N LEU A 278 1.23 5.20 -15.86
CA LEU A 278 2.38 4.35 -16.15
C LEU A 278 2.49 3.87 -17.63
N SER A 279 1.35 3.47 -18.21
CA SER A 279 1.19 3.25 -19.67
C SER A 279 2.01 4.34 -20.30
N ARG A 280 1.47 5.55 -20.19
CA ARG A 280 1.79 6.67 -21.09
C ARG A 280 3.12 7.34 -20.82
N LEU A 281 3.74 7.09 -19.66
CA LEU A 281 5.08 7.61 -19.38
C LEU A 281 6.13 6.51 -19.45
N GLY A 282 5.68 5.29 -19.73
CA GLY A 282 6.60 4.23 -20.10
C GLY A 282 7.35 3.78 -18.90
N LEU A 283 6.62 3.54 -17.81
CA LEU A 283 7.23 3.18 -16.55
C LEU A 283 6.73 1.81 -16.01
N THR A 284 7.14 1.52 -14.78
CA THR A 284 6.86 0.27 -14.11
C THR A 284 6.02 0.59 -12.88
N ARG A 285 5.42 -0.46 -12.34
CA ARG A 285 4.90 -0.41 -10.98
C ARG A 285 6.02 -0.06 -9.96
N ALA A 286 7.29 -0.33 -10.23
CA ALA A 286 8.35 0.06 -9.35
C ALA A 286 8.37 1.55 -9.10
N ASN A 287 8.09 2.35 -10.09
CA ASN A 287 7.87 3.80 -9.89
C ASN A 287 6.72 4.23 -8.95
N VAL A 288 5.80 3.33 -8.61
CA VAL A 288 4.72 3.65 -7.68
C VAL A 288 5.20 3.56 -6.20
N VAL A 289 5.86 4.63 -5.76
CA VAL A 289 6.32 4.79 -4.35
C VAL A 289 5.31 4.26 -3.29
N PHE A 290 4.05 4.69 -3.44
CA PHE A 290 2.92 4.04 -2.80
C PHE A 290 1.68 4.51 -3.47
N ASN A 291 0.63 3.72 -3.35
CA ASN A 291 -0.68 4.12 -3.85
C ASN A 291 -1.62 3.58 -2.83
N ALA A 292 -1.84 4.40 -1.81
CA ALA A 292 -2.59 3.96 -0.63
C ALA A 292 -3.67 4.96 -0.36
N GLY A 293 -4.86 4.50 -0.05
CA GLY A 293 -5.89 5.42 0.39
C GLY A 293 -6.62 6.16 -0.74
N GLY A 294 -6.24 5.93 -1.99
CA GLY A 294 -6.68 6.81 -3.08
C GLY A 294 -5.82 8.06 -3.06
N HIS A 295 -4.61 7.93 -2.50
CA HIS A 295 -3.61 8.96 -2.54
C HIS A 295 -2.39 8.26 -3.16
N PHE A 296 -1.71 8.85 -4.15
CA PHE A 296 -0.59 8.18 -4.79
C PHE A 296 0.56 9.08 -5.07
N MET A 297 1.75 8.47 -5.06
CA MET A 297 3.03 9.07 -5.42
C MET A 297 3.69 8.21 -6.50
N ILE A 298 4.18 8.86 -7.55
CA ILE A 298 4.87 8.20 -8.64
C ILE A 298 6.14 9.02 -8.90
N ILE A 299 7.23 8.36 -9.27
CA ILE A 299 8.51 9.02 -9.60
C ILE A 299 8.59 8.93 -11.10
N ALA A 300 8.95 10.02 -11.73
CA ALA A 300 8.87 10.05 -13.18
C ALA A 300 9.92 10.98 -13.73
N GLN A 301 10.12 10.85 -15.04
CA GLN A 301 10.98 11.71 -15.82
C GLN A 301 10.29 13.05 -15.90
N ASN A 302 11.01 14.08 -15.51
CA ASN A 302 10.59 15.45 -15.80
C ASN A 302 11.02 15.87 -17.19
N THR A 303 10.16 15.59 -18.15
CA THR A 303 10.34 16.09 -19.49
C THR A 303 9.08 16.83 -19.85
N PRO A 304 9.09 17.56 -20.98
CA PRO A 304 7.88 18.25 -21.39
C PRO A 304 6.87 17.36 -22.15
N ASP A 305 7.27 16.25 -22.72
CA ASP A 305 6.25 15.33 -23.20
C ASP A 305 5.61 14.47 -22.09
N ALA A 306 6.26 14.33 -20.95
CA ALA A 306 5.61 13.78 -19.79
C ALA A 306 4.66 14.83 -19.23
N VAL A 307 5.13 16.07 -18.98
CA VAL A 307 4.26 17.12 -18.39
C VAL A 307 3.07 17.35 -19.28
N LYS A 308 3.29 17.39 -20.59
CA LYS A 308 2.18 17.47 -21.54
C LYS A 308 1.36 16.17 -21.69
N GLU A 309 1.92 15.02 -21.27
CA GLU A 309 1.17 13.74 -21.14
C GLU A 309 0.32 13.62 -19.86
N LEU A 310 0.78 14.19 -18.73
CA LEU A 310 -0.02 14.23 -17.49
C LEU A 310 -1.15 15.20 -17.60
N GLU A 311 -0.82 16.41 -18.08
CA GLU A 311 -1.84 17.43 -18.34
C GLU A 311 -3.02 16.83 -19.03
N GLU A 312 -2.78 15.90 -19.94
CA GLU A 312 -3.86 15.19 -20.61
C GLU A 312 -4.54 14.03 -19.90
N ILE A 313 -3.85 13.44 -18.93
CA ILE A 313 -4.44 12.50 -17.99
C ILE A 313 -5.23 13.29 -16.90
N ARG A 314 -4.57 14.29 -16.32
CA ARG A 314 -5.19 15.12 -15.28
C ARG A 314 -6.46 15.75 -15.81
N ALA A 315 -6.45 16.15 -17.09
CA ALA A 315 -7.58 16.79 -17.73
C ALA A 315 -8.61 15.83 -18.25
N LYS A 316 -8.19 14.74 -18.89
CA LYS A 316 -9.16 13.71 -19.34
C LYS A 316 -9.91 13.10 -18.18
N ALA A 317 -9.20 12.71 -17.13
CA ALA A 317 -9.82 12.02 -16.01
C ALA A 317 -10.75 12.89 -15.11
N VAL A 318 -10.54 14.21 -15.09
CA VAL A 318 -11.40 15.13 -14.31
C VAL A 318 -12.68 15.36 -15.07
N GLU A 319 -12.56 15.71 -16.34
CA GLU A 319 -13.66 15.64 -17.30
C GLU A 319 -14.56 14.37 -17.08
N TRP A 320 -13.93 13.23 -16.92
CA TRP A 320 -14.68 11.99 -16.79
C TRP A 320 -15.31 11.80 -15.41
N LEU A 321 -14.57 12.10 -14.33
CA LEU A 321 -15.11 12.07 -12.93
C LEU A 321 -16.24 13.06 -12.73
N TYR A 322 -16.23 14.12 -13.54
CA TYR A 322 -17.30 15.10 -13.58
C TYR A 322 -18.51 14.51 -14.30
N ARG A 323 -18.33 14.17 -15.56
CA ARG A 323 -19.48 13.79 -16.38
C ARG A 323 -20.26 12.63 -15.76
N GLU A 324 -19.54 11.76 -15.03
CA GLU A 324 -20.09 10.58 -14.36
C GLU A 324 -20.43 10.70 -12.90
N PHE A 325 -19.99 11.76 -12.21
CA PHE A 325 -20.34 12.04 -10.76
C PHE A 325 -20.50 13.57 -10.42
N GLU A 326 -20.52 14.40 -11.46
CA GLU A 326 -20.24 15.83 -11.44
C GLU A 326 -19.20 16.30 -10.37
N SER A 327 -19.62 16.80 -9.23
CA SER A 327 -18.60 17.31 -8.31
C SER A 327 -18.39 16.42 -7.07
N ASP A 328 -19.20 15.38 -6.97
CA ASP A 328 -19.22 14.59 -5.77
C ASP A 328 -17.85 14.05 -5.51
N LEU A 329 -17.20 13.57 -6.60
CA LEU A 329 -15.82 13.05 -6.60
C LEU A 329 -14.85 13.85 -7.47
N TYR A 330 -13.79 14.37 -6.86
CA TYR A 330 -12.68 15.04 -7.57
C TYR A 330 -11.34 14.37 -7.27
N LEU A 331 -10.48 14.31 -8.28
CA LEU A 331 -9.11 13.78 -8.19
C LEU A 331 -8.15 14.87 -8.61
N ALA A 332 -7.38 15.39 -7.67
CA ALA A 332 -6.43 16.44 -7.98
C ALA A 332 -5.08 15.78 -8.25
N ILE A 333 -4.41 16.00 -9.39
CA ILE A 333 -3.02 15.50 -9.64
C ILE A 333 -2.08 16.66 -9.89
N GLU A 334 -1.12 16.88 -9.00
CA GLU A 334 -0.09 17.90 -9.26
C GLU A 334 1.26 17.24 -9.44
N TRP A 335 2.19 17.96 -10.06
CA TRP A 335 3.56 17.49 -10.10
C TRP A 335 4.53 18.61 -9.90
N GLU A 336 5.65 18.25 -9.29
CA GLU A 336 6.66 19.18 -8.85
C GLU A 336 8.03 18.65 -9.28
N PRO A 337 8.62 19.25 -10.34
CA PRO A 337 9.97 18.85 -10.75
C PRO A 337 10.99 19.00 -9.62
N VAL A 338 11.81 17.97 -9.42
CA VAL A 338 12.81 17.92 -8.34
C VAL A 338 14.11 17.41 -8.91
N SER A 339 15.17 17.49 -8.12
CA SER A 339 16.49 16.98 -8.50
C SER A 339 16.79 15.65 -7.81
N GLY A 340 17.80 14.92 -8.27
CA GLY A 340 18.21 13.69 -7.53
C GLY A 340 18.52 13.78 -6.03
N ARG A 341 19.01 14.96 -5.58
CA ARG A 341 19.35 15.19 -4.13
C ARG A 341 18.10 15.53 -3.29
N GLU A 342 16.98 15.74 -3.98
CA GLU A 342 15.66 15.90 -3.35
C GLU A 342 14.93 14.58 -3.13
N PHE A 343 15.59 13.45 -3.37
CA PHE A 343 15.17 12.18 -2.81
C PHE A 343 15.68 11.97 -1.37
N GLY A 344 16.81 12.59 -1.05
CA GLY A 344 17.39 12.49 0.28
C GLY A 344 17.48 13.82 0.96
N ARG A 345 18.41 13.91 1.93
CA ARG A 345 18.52 15.00 2.91
C ARG A 345 19.71 15.99 2.79
N GLU A 346 20.76 15.61 2.06
CA GLU A 346 22.02 16.40 1.94
C GLU A 346 22.46 17.03 3.30
N ASN A 350 17.06 19.08 4.15
CA ASN A 350 15.80 18.36 4.38
C ASN A 350 14.99 18.26 3.11
N LEU A 351 15.71 18.21 1.99
CA LEU A 351 15.16 18.58 0.71
C LEU A 351 13.98 17.78 0.16
N PHE A 352 13.90 16.49 0.46
CA PHE A 352 12.74 15.74 0.01
C PHE A 352 11.46 16.30 0.64
N ALA A 353 11.46 16.45 1.96
CA ALA A 353 10.33 16.99 2.71
C ALA A 353 9.89 18.32 2.13
N GLU A 354 10.82 19.10 1.57
CA GLU A 354 10.45 20.40 1.05
C GLU A 354 9.65 20.19 -0.22
N ALA A 355 10.24 19.57 -1.24
CA ALA A 355 9.50 19.17 -2.48
C ALA A 355 8.09 18.62 -2.24
N ARG A 356 7.98 17.70 -1.31
CA ARG A 356 6.68 17.26 -0.84
C ARG A 356 5.84 18.41 -0.25
N LYS A 357 6.49 19.39 0.39
CA LYS A 357 5.78 20.54 0.95
C LYS A 357 5.15 21.35 -0.18
N ARG A 358 5.92 21.67 -1.18
CA ARG A 358 5.39 22.51 -2.26
C ARG A 358 4.37 21.74 -3.10
N LEU A 359 4.55 20.42 -3.16
CA LEU A 359 3.67 19.53 -3.91
C LEU A 359 2.37 19.27 -3.20
N LYS A 360 2.43 19.16 -1.88
CA LYS A 360 1.25 19.14 -1.01
C LYS A 360 0.57 20.48 -1.06
N HIS A 361 1.31 21.57 -1.06
CA HIS A 361 0.72 22.86 -1.29
C HIS A 361 0.09 22.93 -2.68
N LYS A 362 0.88 22.53 -3.68
CA LYS A 362 0.41 22.49 -5.04
C LYS A 362 -0.88 21.71 -5.07
N LEU A 363 -0.83 20.52 -4.46
CA LEU A 363 -1.99 19.62 -4.40
C LEU A 363 -3.24 20.23 -3.80
N THR A 364 -3.05 20.96 -2.70
CA THR A 364 -4.13 21.61 -1.95
C THR A 364 -4.90 22.65 -2.78
N VAL A 365 -4.16 23.46 -3.51
CA VAL A 365 -4.75 24.52 -4.33
C VAL A 365 -5.28 23.94 -5.63
N ARG A 366 -5.15 22.63 -5.82
CA ARG A 366 -5.62 21.97 -7.03
C ARG A 366 -7.07 21.53 -6.88
N LYS A 367 -7.56 21.53 -5.63
CA LYS A 367 -8.95 21.15 -5.35
C LYS A 367 -9.78 22.42 -5.25
N LEU A 368 -10.94 22.33 -4.62
CA LEU A 368 -11.91 23.44 -4.50
C LEU A 368 -12.14 24.17 -5.84
N LYS A 369 -12.43 23.37 -6.92
CA LYS A 369 -12.64 23.88 -8.25
C LYS A 369 -11.54 24.87 -8.64
N CYS A 413 -27.52 5.39 -12.13
CA CYS A 413 -28.24 4.14 -11.91
C CYS A 413 -27.87 2.92 -12.75
N PRO A 414 -27.46 3.07 -14.03
CA PRO A 414 -26.84 1.89 -14.66
C PRO A 414 -25.47 1.52 -14.02
N THR A 415 -24.69 2.52 -13.62
CA THR A 415 -23.54 2.30 -12.69
C THR A 415 -24.03 1.81 -11.33
N CYS A 416 -25.02 2.49 -10.73
CA CYS A 416 -25.57 2.01 -9.46
C CYS A 416 -25.97 0.55 -9.56
N ASN A 417 -26.35 0.10 -10.77
CA ASN A 417 -26.77 -1.32 -11.05
C ASN A 417 -25.65 -2.28 -11.54
N ARG A 418 -24.67 -1.77 -12.30
CA ARG A 418 -23.50 -2.62 -12.65
C ARG A 418 -22.79 -2.98 -11.35
N LEU A 419 -22.80 -2.08 -10.36
CA LEU A 419 -22.20 -2.35 -9.04
C LEU A 419 -22.91 -3.34 -8.14
N VAL A 420 -24.11 -3.74 -8.54
CA VAL A 420 -24.93 -4.66 -7.74
C VAL A 420 -24.55 -6.08 -8.13
N SER A 421 -24.38 -6.31 -9.42
CA SER A 421 -23.86 -7.56 -9.91
C SER A 421 -22.51 -7.83 -9.26
N LEU A 422 -21.73 -6.78 -9.08
CA LEU A 422 -20.39 -6.95 -8.56
C LEU A 422 -20.36 -7.39 -7.09
N GLY A 423 -21.20 -6.77 -6.26
CA GLY A 423 -21.13 -6.96 -4.82
C GLY A 423 -21.47 -8.34 -4.32
N GLY A 424 -22.03 -9.19 -5.21
CA GLY A 424 -22.28 -10.64 -4.97
C GLY A 424 -21.39 -11.57 -5.79
N ASN A 425 -20.91 -11.11 -6.94
CA ASN A 425 -19.69 -11.69 -7.47
C ASN A 425 -18.49 -11.51 -6.54
N LEU A 426 -18.43 -10.39 -5.81
CA LEU A 426 -17.29 -10.08 -4.95
C LEU A 426 -16.68 -11.24 -4.14
N PRO A 427 -17.51 -12.11 -3.58
CA PRO A 427 -16.96 -13.23 -2.80
C PRO A 427 -16.19 -14.31 -3.60
N LYS A 428 -16.32 -14.32 -4.92
CA LYS A 428 -15.63 -15.31 -5.75
C LYS A 428 -14.63 -14.62 -6.71
N LEU A 429 -14.40 -13.32 -6.52
CA LEU A 429 -13.60 -12.52 -7.46
C LEU A 429 -12.15 -12.73 -7.12
N LEU A 430 -11.35 -12.91 -8.16
CA LEU A 430 -9.87 -13.04 -8.07
C LEU A 430 -9.05 -11.84 -8.68
N GLY A 431 -9.69 -11.04 -9.51
CA GLY A 431 -9.08 -9.85 -9.99
C GLY A 431 -10.06 -9.08 -10.84
N PHE A 432 -9.45 -8.28 -11.72
CA PHE A 432 -10.08 -7.59 -12.81
C PHE A 432 -9.02 -7.55 -13.90
N GLY A 433 -9.42 -7.92 -15.12
CA GLY A 433 -8.68 -7.54 -16.35
C GLY A 433 -8.94 -6.08 -16.61
N ARG A 434 -7.94 -5.38 -17.14
CA ARG A 434 -8.05 -3.97 -17.47
C ARG A 434 -7.87 -3.84 -18.99
N THR A 435 -8.91 -3.34 -19.69
CA THR A 435 -8.96 -3.35 -21.17
C THR A 435 -9.56 -2.09 -21.67
N ALA A 436 -9.87 -2.06 -22.96
CA ALA A 436 -10.66 -1.00 -23.54
C ALA A 436 -12.08 -0.97 -22.99
N LYS A 437 -12.64 0.23 -22.86
CA LYS A 437 -13.99 0.41 -22.35
C LYS A 437 -15.01 -0.32 -23.21
N ASN A 438 -14.65 -0.50 -24.49
CA ASN A 438 -15.52 -1.19 -25.43
C ASN A 438 -15.13 -2.65 -25.60
N ASP A 439 -14.58 -3.25 -24.55
CA ASP A 439 -14.15 -4.63 -24.60
C ASP A 439 -15.14 -5.52 -23.85
N ALA A 440 -15.59 -6.58 -24.50
CA ALA A 440 -16.52 -7.54 -23.89
C ALA A 440 -16.04 -8.13 -22.54
N GLY A 441 -17.00 -8.28 -21.63
CA GLY A 441 -16.71 -8.70 -20.26
C GLY A 441 -16.91 -7.56 -19.29
N VAL A 442 -16.61 -6.35 -19.73
CA VAL A 442 -16.58 -5.17 -18.85
C VAL A 442 -17.83 -5.03 -17.94
N LEU A 443 -17.62 -5.04 -16.64
CA LEU A 443 -18.67 -4.74 -15.70
C LEU A 443 -18.77 -3.25 -15.32
N VAL A 444 -17.62 -2.60 -15.15
CA VAL A 444 -17.50 -1.24 -14.58
C VAL A 444 -16.29 -0.61 -15.23
N GLU A 445 -16.47 0.68 -15.58
CA GLU A 445 -15.51 1.39 -16.37
C GLU A 445 -14.86 2.49 -15.54
N GLY A 446 -13.58 2.71 -15.80
CA GLY A 446 -12.85 3.81 -15.20
C GLY A 446 -12.48 4.85 -16.25
N PRO A 447 -11.78 5.94 -15.84
CA PRO A 447 -11.60 7.07 -16.73
C PRO A 447 -11.08 6.64 -18.06
N PHE A 448 -10.06 5.81 -18.10
CA PHE A 448 -9.42 5.41 -19.34
C PHE A 448 -9.65 3.94 -19.73
N SER A 449 -10.05 3.10 -18.82
CA SER A 449 -10.11 1.68 -19.12
C SER A 449 -11.42 1.08 -18.62
N GLY A 450 -11.86 -0.01 -19.26
CA GLY A 450 -12.92 -0.83 -18.76
C GLY A 450 -12.26 -1.85 -17.90
N PHE A 451 -13.04 -2.42 -16.99
CA PHE A 451 -12.61 -3.54 -16.13
C PHE A 451 -13.48 -4.76 -16.32
N VAL A 452 -12.88 -5.95 -16.16
CA VAL A 452 -13.52 -7.20 -16.47
C VAL A 452 -13.26 -8.10 -15.31
N PRO A 453 -14.24 -8.33 -14.44
CA PRO A 453 -13.95 -9.24 -13.36
C PRO A 453 -13.37 -10.55 -13.79
N TYR A 454 -12.20 -10.85 -13.29
CA TYR A 454 -11.61 -12.17 -13.39
C TYR A 454 -12.18 -12.96 -12.22
N LEU A 455 -12.90 -14.05 -12.53
CA LEU A 455 -13.63 -14.84 -11.52
C LEU A 455 -12.97 -16.14 -11.15
N GLN A 456 -13.22 -16.52 -9.91
CA GLN A 456 -12.73 -17.75 -9.37
C GLN A 456 -13.17 -18.93 -10.23
N GLY A 457 -14.10 -18.75 -11.17
CA GLY A 457 -14.26 -19.71 -12.28
C GLY A 457 -13.35 -19.51 -13.52
N GLY A 458 -13.64 -18.43 -14.27
CA GLY A 458 -13.05 -18.19 -15.59
C GLY A 458 -11.56 -17.86 -15.72
N ARG A 459 -11.24 -17.23 -16.86
CA ARG A 459 -9.85 -16.93 -17.30
C ARG A 459 -9.59 -15.38 -17.43
N PRO A 460 -8.61 -14.86 -16.69
CA PRO A 460 -8.31 -13.43 -16.79
C PRO A 460 -8.27 -12.82 -18.19
N VAL A 461 -8.66 -11.57 -18.33
CA VAL A 461 -8.92 -11.00 -19.66
C VAL A 461 -8.57 -9.52 -19.68
N GLY A 462 -7.27 -9.23 -19.65
CA GLY A 462 -6.81 -7.83 -19.75
C GLY A 462 -5.35 -7.64 -20.15
N GLU A 463 -4.99 -6.41 -20.45
CA GLU A 463 -3.60 -6.07 -20.78
C GLU A 463 -2.80 -5.95 -19.50
N GLN A 464 -3.44 -5.37 -18.48
CA GLN A 464 -3.00 -5.46 -17.09
C GLN A 464 -4.07 -6.28 -16.39
N ILE A 465 -3.67 -7.22 -15.51
CA ILE A 465 -4.64 -7.87 -14.62
C ILE A 465 -4.43 -7.57 -13.11
N LEU A 466 -5.34 -6.79 -12.53
CA LEU A 466 -5.25 -6.39 -11.15
C LEU A 466 -5.72 -7.59 -10.40
N VAL A 467 -4.76 -8.41 -9.98
CA VAL A 467 -4.99 -9.70 -9.26
C VAL A 467 -5.10 -9.46 -7.77
N LYS A 468 -6.00 -10.20 -7.13
CA LYS A 468 -6.36 -9.88 -5.76
C LYS A 468 -5.48 -10.65 -4.79
N ASN A 469 -5.02 -9.98 -3.74
CA ASN A 469 -4.42 -10.60 -2.59
C ASN A 469 -3.51 -11.78 -2.84
N THR A 470 -2.38 -11.52 -3.45
CA THR A 470 -1.36 -12.52 -3.74
C THR A 470 -0.35 -11.93 -4.73
N LEU A 471 0.91 -12.34 -4.61
CA LEU A 471 2.00 -11.92 -5.46
C LEU A 471 2.49 -13.05 -6.41
N ASN A 472 1.67 -14.10 -6.60
CA ASN A 472 1.89 -14.98 -7.77
C ASN A 472 0.89 -14.76 -8.83
N PRO A 473 1.29 -14.69 -10.11
CA PRO A 473 0.29 -14.55 -11.20
C PRO A 473 -0.56 -15.81 -11.43
N GLY A 474 0.05 -16.98 -11.39
CA GLY A 474 -0.71 -18.19 -11.52
C GLY A 474 -1.33 -18.42 -12.86
N GLU A 475 -2.64 -18.58 -12.90
CA GLU A 475 -3.27 -18.96 -14.17
C GLU A 475 -3.67 -17.70 -14.96
N ILE A 476 -2.71 -16.81 -15.17
CA ILE A 476 -2.94 -15.57 -15.92
C ILE A 476 -2.15 -15.62 -17.22
N PRO A 477 -2.65 -14.95 -18.27
CA PRO A 477 -1.97 -14.91 -19.58
C PRO A 477 -0.69 -14.09 -19.54
N GLU A 478 0.19 -14.34 -20.49
CA GLU A 478 1.46 -13.61 -20.59
C GLU A 478 1.21 -12.13 -20.94
N SER A 479 0.88 -11.86 -22.18
CA SER A 479 0.57 -10.51 -22.60
C SER A 479 -0.34 -9.83 -21.58
N ALA A 480 0.06 -9.85 -20.31
CA ALA A 480 -0.76 -9.29 -19.24
C ALA A 480 0.00 -8.86 -17.98
N GLN A 481 0.39 -7.59 -17.93
CA GLN A 481 1.02 -7.01 -16.76
C GLN A 481 0.32 -7.50 -15.48
N PHE A 482 0.98 -8.38 -14.76
CA PHE A 482 0.48 -8.78 -13.44
C PHE A 482 0.52 -7.62 -12.48
N VAL A 483 -0.65 -7.15 -12.06
CA VAL A 483 -0.71 -6.08 -11.09
C VAL A 483 -1.31 -6.65 -9.82
N PRO A 484 -0.45 -6.97 -8.83
CA PRO A 484 -0.98 -7.47 -7.56
C PRO A 484 -1.48 -6.33 -6.70
N TYR A 485 -2.63 -6.52 -6.05
CA TYR A 485 -3.20 -5.45 -5.22
C TYR A 485 -3.76 -6.07 -4.00
N PHE A 486 -3.40 -5.55 -2.81
CA PHE A 486 -3.97 -6.08 -1.52
C PHE A 486 -5.17 -5.25 -1.04
N VAL A 487 -6.14 -5.97 -0.49
CA VAL A 487 -7.37 -5.39 0.13
C VAL A 487 -7.74 -6.30 1.26
N ALA A 488 -8.05 -5.72 2.41
CA ALA A 488 -8.61 -6.50 3.49
C ALA A 488 -10.07 -6.68 3.16
N ASP A 489 -10.56 -7.90 3.18
CA ASP A 489 -11.98 -8.10 3.13
C ASP A 489 -12.40 -9.22 4.08
N TYR A 490 -12.12 -9.09 5.38
CA TYR A 490 -12.78 -10.01 6.31
C TYR A 490 -14.26 -9.70 6.14
N PHE A 491 -15.10 -10.75 6.16
CA PHE A 491 -16.53 -10.58 6.02
C PHE A 491 -17.28 -11.83 6.42
N LYS A 492 -18.13 -11.69 7.43
CA LYS A 492 -18.96 -12.81 7.91
C LYS A 492 -19.93 -13.27 6.84
N LYS A 493 -19.59 -14.35 6.16
CA LYS A 493 -20.44 -14.91 5.09
C LYS A 493 -21.63 -15.69 5.66
N ALA A 514 -29.75 -4.60 20.31
CA ALA A 514 -30.33 -5.05 19.01
C ALA A 514 -30.05 -4.09 17.83
N ARG A 515 -28.75 -3.91 17.54
CA ARG A 515 -28.26 -2.89 16.60
C ARG A 515 -26.99 -3.30 15.87
N LEU A 516 -26.76 -2.56 14.78
CA LEU A 516 -25.53 -2.59 14.00
C LEU A 516 -24.46 -1.70 14.65
N GLY A 517 -23.24 -2.23 14.68
CA GLY A 517 -22.06 -1.56 15.23
C GLY A 517 -21.09 -1.04 14.19
N VAL A 518 -20.96 0.27 14.11
CA VAL A 518 -20.17 0.85 13.04
C VAL A 518 -18.99 1.59 13.63
N LEU A 519 -17.80 1.22 13.14
CA LEU A 519 -16.53 1.82 13.50
C LEU A 519 -16.06 2.70 12.32
N ARG A 520 -15.59 3.89 12.68
CA ARG A 520 -14.68 4.65 11.81
C ARG A 520 -13.40 5.02 12.57
N LEU A 521 -12.25 4.67 12.00
CA LEU A 521 -10.99 4.86 12.64
C LEU A 521 -10.01 5.49 11.66
N ASP A 522 -9.24 6.46 12.13
CA ASP A 522 -8.25 7.20 11.31
C ASP A 522 -7.04 7.58 12.20
N VAL A 523 -5.98 6.85 11.99
CA VAL A 523 -4.66 7.26 12.40
C VAL A 523 -4.40 8.75 12.44
N ASP A 524 -4.06 9.18 13.63
CA ASP A 524 -3.96 10.59 13.94
C ASP A 524 -2.74 11.24 13.30
N ASN A 525 -2.89 12.47 12.81
CA ASN A 525 -1.78 13.33 12.41
C ASN A 525 -0.76 12.64 11.55
N LEU A 526 -1.14 11.59 10.85
CA LEU A 526 -0.22 10.74 10.10
C LEU A 526 0.51 11.45 8.98
N GLY A 527 -0.20 12.30 8.24
CA GLY A 527 0.39 13.19 7.21
C GLY A 527 1.37 14.21 7.76
N GLN A 528 1.58 14.22 9.08
CA GLN A 528 2.68 14.92 9.72
C GLN A 528 3.87 13.97 9.97
N ALA A 529 3.58 12.72 10.31
CA ALA A 529 4.66 11.74 10.40
C ALA A 529 5.43 11.57 9.10
N PHE A 530 4.77 11.78 7.97
CA PHE A 530 5.39 11.62 6.64
C PHE A 530 6.35 12.73 6.20
N THR A 531 6.15 13.91 6.75
CA THR A 531 7.05 15.02 6.48
C THR A 531 8.07 15.05 7.62
N HIS A 532 7.62 15.35 8.84
CA HIS A 532 8.54 15.30 9.97
C HIS A 532 8.01 14.29 10.93
N GLY A 533 8.64 13.13 10.97
CA GLY A 533 8.23 12.02 11.80
C GLY A 533 7.81 12.32 13.20
N PHE A 542 11.41 9.86 8.08
CA PHE A 542 10.92 9.36 6.79
C PHE A 542 11.15 10.29 5.59
N ASN A 543 12.06 11.25 5.78
CA ASN A 543 12.25 12.42 4.92
C ASN A 543 13.28 12.16 3.83
N THR A 544 13.03 11.07 3.11
CA THR A 544 13.72 10.68 1.89
C THR A 544 12.73 9.85 1.12
N ILE A 545 13.05 9.48 -0.11
CA ILE A 545 12.06 8.82 -0.97
C ILE A 545 11.96 7.34 -0.64
N SER A 546 13.04 6.71 -0.19
CA SER A 546 12.99 5.27 0.18
C SER A 546 12.34 5.02 1.56
N ARG A 547 12.68 5.84 2.55
CA ARG A 547 12.08 5.70 3.87
C ARG A 547 10.54 5.88 3.77
N THR A 548 10.15 6.83 2.92
CA THR A 548 8.75 7.15 2.65
C THR A 548 8.04 5.93 2.09
N ALA A 549 8.63 5.34 1.07
CA ALA A 549 8.14 4.09 0.50
C ALA A 549 8.19 2.98 1.55
N ALA A 550 9.25 2.96 2.33
CA ALA A 550 9.42 1.93 3.38
C ALA A 550 8.27 2.00 4.35
N PHE A 551 8.21 3.07 5.11
CA PHE A 551 7.08 3.42 6.00
C PHE A 551 5.65 3.29 5.39
N SER A 552 5.47 3.90 4.18
CA SER A 552 4.23 3.83 3.37
C SER A 552 3.75 2.41 3.04
N ARG A 553 4.69 1.49 3.00
CA ARG A 553 4.39 0.14 2.67
C ARG A 553 4.02 -0.67 3.87
N MET A 554 4.54 -0.40 5.05
CA MET A 554 4.11 -1.13 6.26
C MET A 554 2.73 -0.71 6.74
N LEU A 555 2.39 0.55 6.57
CA LEU A 555 1.06 0.95 6.92
C LEU A 555 0.09 0.21 6.02
N SER A 556 0.30 0.23 4.69
CA SER A 556 -0.69 -0.40 3.83
C SER A 556 -0.79 -1.87 4.21
N LEU A 557 0.34 -2.50 4.46
CA LEU A 557 0.34 -3.88 4.97
C LEU A 557 -0.54 -4.04 6.18
N PHE A 558 -0.46 -3.11 7.12
CA PHE A 558 -1.27 -3.28 8.27
C PHE A 558 -2.74 -3.21 7.93
N PHE A 559 -3.14 -2.16 7.19
CA PHE A 559 -4.55 -1.93 6.79
C PHE A 559 -5.05 -2.74 5.59
N ARG A 560 -4.16 -3.32 4.80
CA ARG A 560 -4.55 -4.22 3.76
C ARG A 560 -4.45 -5.64 4.06
N GLN A 561 -3.81 -5.99 5.14
CA GLN A 561 -3.73 -7.41 5.45
C GLN A 561 -3.88 -7.71 6.90
N HIS A 562 -3.02 -7.15 7.75
CA HIS A 562 -2.95 -7.58 9.14
C HIS A 562 -4.27 -7.45 9.79
N ILE A 563 -4.96 -6.37 9.46
CA ILE A 563 -6.30 -6.10 9.97
C ILE A 563 -7.25 -7.31 9.78
N ASN A 564 -7.15 -8.03 8.65
CA ASN A 564 -7.95 -9.25 8.46
C ASN A 564 -7.76 -10.29 9.57
N TYR A 565 -6.62 -10.25 10.23
CA TYR A 565 -6.27 -11.27 11.22
C TYR A 565 -6.75 -10.97 12.60
N VAL A 566 -6.94 -9.70 12.94
CA VAL A 566 -7.60 -9.43 14.20
C VAL A 566 -9.08 -9.79 14.02
N LEU A 567 -9.58 -9.72 12.81
CA LEU A 567 -10.99 -10.12 12.56
C LEU A 567 -11.34 -11.62 12.73
N ALA A 568 -10.46 -12.48 12.22
CA ALA A 568 -10.61 -13.95 12.31
C ALA A 568 -9.76 -14.59 13.39
N ARG A 569 -9.00 -13.81 14.17
CA ARG A 569 -8.20 -14.37 15.25
C ARG A 569 -8.19 -13.41 16.43
N PRO A 570 -9.38 -13.03 16.88
CA PRO A 570 -9.44 -12.01 17.96
C PRO A 570 -9.04 -12.52 19.33
N LYS A 571 -8.39 -11.67 20.12
CA LYS A 571 -8.04 -11.95 21.53
C LYS A 571 -8.88 -11.16 22.58
N LEU A 572 -8.73 -9.83 22.71
CA LEU A 572 -9.53 -9.08 23.73
C LEU A 572 -11.01 -9.39 23.58
N ARG A 573 -11.72 -9.71 24.64
CA ARG A 573 -13.19 -9.95 24.59
C ARG A 573 -13.95 -9.67 25.91
N PRO A 574 -13.61 -8.57 26.62
CA PRO A 574 -14.14 -8.44 27.96
C PRO A 574 -15.65 -8.32 28.02
N ILE A 575 -16.32 -7.99 26.93
CA ILE A 575 -17.75 -7.90 27.00
C ILE A 575 -18.28 -9.21 26.52
N THR A 576 -17.91 -9.56 25.30
CA THR A 576 -18.48 -10.72 24.58
C THR A 576 -18.16 -12.10 25.20
N GLY A 577 -16.99 -12.17 25.84
CA GLY A 577 -16.55 -13.37 26.55
C GLY A 577 -15.84 -14.35 25.64
N ASP A 578 -14.74 -14.90 26.15
CA ASP A 578 -13.91 -15.84 25.36
C ASP A 578 -14.76 -16.95 24.74
N ASP A 579 -15.23 -17.87 25.59
CA ASP A 579 -16.06 -19.01 25.17
C ASP A 579 -15.49 -19.89 24.04
N PRO A 580 -16.20 -19.97 22.91
CA PRO A 580 -15.71 -20.64 21.71
C PRO A 580 -14.86 -19.68 20.86
N ALA A 581 -13.62 -20.05 20.53
CA ALA A 581 -12.74 -19.23 19.70
C ALA A 581 -13.44 -18.95 18.36
N ARG A 582 -14.09 -17.81 18.30
CA ARG A 582 -14.77 -17.36 17.09
C ARG A 582 -14.26 -16.00 16.63
N PRO A 583 -14.33 -15.72 15.32
CA PRO A 583 -13.84 -14.44 14.76
C PRO A 583 -14.84 -13.32 14.98
N ARG A 584 -14.41 -12.09 14.71
CA ARG A 584 -15.29 -10.93 14.85
C ARG A 584 -16.51 -11.05 13.96
N GLU A 585 -17.68 -10.80 14.54
CA GLU A 585 -18.92 -10.87 13.82
C GLU A 585 -19.08 -9.59 12.96
N ALA A 586 -18.32 -9.52 11.87
CA ALA A 586 -18.19 -8.26 11.12
C ALA A 586 -17.93 -8.41 9.63
N THR A 587 -18.08 -7.28 8.93
CA THR A 587 -17.60 -7.07 7.53
C THR A 587 -16.79 -5.76 7.58
N ILE A 588 -15.88 -5.58 6.61
CA ILE A 588 -15.14 -4.33 6.33
C ILE A 588 -15.64 -3.65 5.03
N ILE A 589 -15.86 -2.36 5.09
CA ILE A 589 -16.29 -1.61 3.93
C ILE A 589 -15.10 -0.98 3.29
N TYR A 590 -14.19 -0.43 4.11
CA TYR A 590 -12.92 0.11 3.62
C TYR A 590 -11.86 0.04 4.72
N SER A 591 -10.69 -0.46 4.35
CA SER A 591 -9.51 -0.41 5.21
C SER A 591 -8.35 -0.08 4.26
N GLY A 592 -7.90 1.17 4.32
CA GLY A 592 -6.93 1.64 3.38
C GLY A 592 -6.56 3.04 3.65
N GLY A 593 -5.42 3.44 3.17
CA GLY A 593 -4.78 4.64 3.62
C GLY A 593 -4.57 4.43 5.11
N ASP A 594 -5.17 5.29 5.91
CA ASP A 594 -5.12 5.22 7.36
C ASP A 594 -6.52 5.48 7.80
N ASP A 595 -7.47 4.77 7.17
CA ASP A 595 -8.91 4.98 7.45
C ASP A 595 -9.66 3.64 7.38
N VAL A 596 -10.49 3.38 8.38
CA VAL A 596 -11.15 2.08 8.51
C VAL A 596 -12.64 2.25 8.76
N PHE A 597 -13.46 1.49 8.05
CA PHE A 597 -14.90 1.52 8.23
C PHE A 597 -15.47 0.12 8.29
N VAL A 598 -15.79 -0.34 9.48
CA VAL A 598 -16.21 -1.72 9.66
C VAL A 598 -17.59 -1.66 10.26
N VAL A 599 -18.49 -2.50 9.75
CA VAL A 599 -19.81 -2.75 10.36
C VAL A 599 -19.77 -4.12 11.10
N GLY A 600 -20.72 -4.34 12.01
CA GLY A 600 -21.01 -5.67 12.54
C GLY A 600 -21.82 -5.69 13.83
N ALA A 601 -21.66 -6.79 14.57
CA ALA A 601 -22.34 -7.02 15.84
C ALA A 601 -21.96 -5.93 16.78
N TRP A 602 -22.97 -5.31 17.40
CA TRP A 602 -22.83 -4.04 18.18
C TRP A 602 -21.52 -4.06 19.02
N ASP A 603 -21.23 -5.26 19.58
CA ASP A 603 -20.27 -5.47 20.69
C ASP A 603 -18.85 -5.85 20.27
N ASP A 604 -18.78 -6.69 19.25
CA ASP A 604 -17.48 -7.09 18.73
C ASP A 604 -16.79 -5.87 18.24
N VAL A 605 -17.56 -4.98 17.62
CA VAL A 605 -17.07 -3.70 17.03
C VAL A 605 -16.48 -2.79 18.11
N ILE A 606 -17.11 -2.72 19.26
CA ILE A 606 -16.59 -1.91 20.32
C ILE A 606 -15.27 -2.54 20.76
N GLU A 607 -15.30 -3.84 21.03
CA GLU A 607 -14.08 -4.61 21.39
C GLU A 607 -12.96 -4.51 20.33
N PHE A 608 -13.40 -4.53 19.08
CA PHE A 608 -12.51 -4.59 17.93
C PHE A 608 -11.77 -3.28 17.65
N GLY A 609 -12.46 -2.15 17.55
CA GLY A 609 -11.80 -0.84 17.53
C GLY A 609 -10.69 -0.76 18.60
N ILE A 610 -10.95 -1.37 19.76
CA ILE A 610 -9.98 -1.44 20.87
C ILE A 610 -8.83 -2.40 20.61
N GLU A 611 -9.17 -3.66 20.37
CA GLU A 611 -8.19 -4.69 20.01
C GLU A 611 -7.36 -4.23 18.83
N LEU A 612 -7.98 -3.51 17.88
CA LEU A 612 -7.32 -3.10 16.66
C LEU A 612 -6.45 -1.91 16.93
N ARG A 613 -7.01 -0.89 17.53
CA ARG A 613 -6.13 0.12 18.09
C ARG A 613 -4.96 -0.51 18.87
N GLU A 614 -5.25 -1.60 19.57
CA GLU A 614 -4.21 -2.32 20.30
C GLU A 614 -3.10 -2.79 19.38
N ARG A 615 -3.44 -3.62 18.41
CA ARG A 615 -2.46 -4.07 17.44
C ARG A 615 -1.73 -2.85 16.87
N PHE A 616 -2.50 -1.90 16.34
CA PHE A 616 -1.92 -0.67 15.82
C PHE A 616 -0.87 -0.14 16.80
N HIS A 617 -1.22 -0.15 18.09
CA HIS A 617 -0.28 0.29 19.11
C HIS A 617 1.00 -0.55 19.09
N GLU A 618 0.88 -1.88 19.09
CA GLU A 618 2.06 -2.79 19.12
C GLU A 618 2.88 -2.64 17.86
N PHE A 619 2.35 -3.16 16.75
CA PHE A 619 2.78 -2.86 15.36
C PHE A 619 3.41 -1.54 14.92
N THR A 620 3.00 -0.43 15.58
CA THR A 620 3.72 0.89 15.66
C THR A 620 4.60 1.16 16.92
N GLN A 621 4.66 0.21 17.86
CA GLN A 621 5.46 0.28 19.10
C GLN A 621 5.27 1.57 19.89
N GLY A 622 4.01 2.03 19.94
CA GLY A 622 3.61 3.35 20.47
C GLY A 622 3.85 4.59 19.57
N LYS A 623 4.44 4.37 18.41
CA LYS A 623 4.93 5.49 17.66
C LYS A 623 3.80 6.21 16.89
N LEU A 624 2.64 5.59 16.70
CA LEU A 624 1.48 6.34 16.19
C LEU A 624 0.22 6.04 16.97
N THR A 625 -0.81 6.86 16.72
CA THR A 625 -2.10 6.82 17.44
C THR A 625 -3.31 6.64 16.48
N VAL A 626 -4.48 6.31 17.00
CA VAL A 626 -5.72 6.27 16.20
C VAL A 626 -6.89 6.83 17.03
N SER A 627 -7.79 7.54 16.38
CA SER A 627 -9.00 7.99 17.01
C SER A 627 -10.10 7.38 16.22
N ALA A 628 -11.22 7.15 16.88
CA ALA A 628 -12.29 6.38 16.33
C ALA A 628 -13.62 6.93 16.75
N GLY A 629 -14.60 6.86 15.86
CA GLY A 629 -15.99 6.99 16.25
C GLY A 629 -16.42 5.55 16.40
N ILE A 630 -17.35 5.28 17.32
CA ILE A 630 -18.20 4.10 17.20
C ILE A 630 -19.62 4.51 17.48
N GLY A 631 -20.55 4.07 16.63
CA GLY A 631 -21.97 4.36 16.81
C GLY A 631 -22.73 3.07 16.74
N MET A 632 -24.02 3.16 17.03
CA MET A 632 -24.89 2.00 17.05
C MET A 632 -26.15 2.39 16.37
N PHE A 633 -26.69 1.51 15.51
CA PHE A 633 -27.89 1.81 14.68
C PHE A 633 -28.86 0.65 14.53
N PRO A 634 -30.17 0.95 14.51
CA PRO A 634 -31.22 -0.05 14.35
C PRO A 634 -30.86 -1.04 13.24
N ASP A 635 -31.61 -1.03 12.14
CA ASP A 635 -31.43 -2.03 11.09
C ASP A 635 -31.30 -1.35 9.75
N LYS A 636 -32.44 -0.95 9.17
CA LYS A 636 -32.41 -0.27 7.88
C LYS A 636 -32.32 1.24 8.07
N TYR A 637 -31.15 1.82 7.82
CA TYR A 637 -30.94 3.24 7.97
C TYR A 637 -30.02 3.80 6.90
N PRO A 638 -30.18 5.09 6.59
CA PRO A 638 -29.38 5.77 5.57
C PRO A 638 -27.87 5.61 5.84
N ILE A 639 -27.27 4.61 5.21
CA ILE A 639 -25.84 4.35 5.39
C ILE A 639 -25.14 5.72 5.47
N SER A 640 -25.47 6.59 4.51
CA SER A 640 -24.96 7.94 4.48
C SER A 640 -25.00 8.61 5.85
N VAL A 641 -26.08 8.38 6.58
CA VAL A 641 -26.27 8.94 7.93
C VAL A 641 -25.46 8.16 8.99
N MET A 642 -25.14 6.89 8.71
CA MET A 642 -24.28 6.09 9.61
C MET A 642 -22.86 6.51 9.43
N ALA A 643 -22.45 6.68 8.19
CA ALA A 643 -21.27 7.45 7.95
C ALA A 643 -21.31 8.80 8.74
N ARG A 644 -22.22 9.71 8.39
CA ARG A 644 -22.10 11.09 8.91
C ARG A 644 -22.03 11.18 10.42
N GLU A 645 -22.69 10.25 11.11
CA GLU A 645 -22.82 10.33 12.57
C GLU A 645 -21.59 9.69 13.21
N VAL A 646 -21.11 8.62 12.59
CA VAL A 646 -19.96 7.97 13.16
C VAL A 646 -18.79 8.85 12.85
N GLY A 647 -18.91 9.58 11.75
CA GLY A 647 -17.91 10.55 11.39
C GLY A 647 -17.88 11.64 12.41
N ASP A 648 -19.05 12.09 12.82
CA ASP A 648 -19.15 13.11 13.86
C ASP A 648 -18.56 12.63 15.17
N LEU A 649 -18.76 11.34 15.48
CA LEU A 649 -18.08 10.80 16.68
C LEU A 649 -16.57 10.90 16.55
N GLU A 650 -15.99 10.36 15.50
CA GLU A 650 -14.55 10.45 15.43
C GLU A 650 -14.12 11.89 15.47
N ASP A 651 -14.92 12.75 14.88
CA ASP A 651 -14.54 14.14 14.86
C ASP A 651 -14.51 14.66 16.24
N ALA A 652 -15.39 14.12 17.06
CA ALA A 652 -15.28 14.37 18.45
C ALA A 652 -13.97 13.84 18.95
N ALA A 653 -13.77 12.53 18.85
CA ALA A 653 -12.56 11.94 19.40
C ALA A 653 -11.34 12.70 18.91
N LYS A 654 -11.47 13.26 17.72
CA LYS A 654 -10.35 13.94 17.08
C LYS A 654 -10.13 15.36 17.59
N SER A 655 -11.18 16.03 18.00
CA SER A 655 -11.01 17.40 18.46
C SER A 655 -10.41 17.46 19.89
N LEU A 656 -10.47 16.31 20.61
CA LEU A 656 -9.64 16.03 21.81
C LEU A 656 -8.21 16.44 21.71
N PRO A 657 -7.57 16.87 22.83
CA PRO A 657 -6.14 17.21 22.82
C PRO A 657 -5.29 15.97 22.93
N GLY A 658 -4.23 15.88 22.13
CA GLY A 658 -3.36 14.71 22.10
C GLY A 658 -3.88 13.69 21.11
N LYS A 659 -5.18 13.74 20.83
CA LYS A 659 -5.79 12.90 19.81
C LYS A 659 -5.42 11.44 19.99
N ASN A 660 -5.95 10.81 20.99
CA ASN A 660 -5.67 9.38 21.25
C ASN A 660 -6.77 8.67 22.02
N GLY A 661 -7.95 8.57 21.39
CA GLY A 661 -9.06 7.88 22.01
C GLY A 661 -10.15 7.46 21.04
N VAL A 662 -11.36 7.39 21.55
CA VAL A 662 -12.50 6.97 20.81
C VAL A 662 -13.63 7.76 21.38
N ALA A 663 -14.60 8.02 20.54
CA ALA A 663 -15.81 8.73 20.91
C ALA A 663 -16.99 7.82 20.57
N LEU A 664 -17.08 6.72 21.29
CA LEU A 664 -18.11 5.69 21.05
C LEU A 664 -19.56 6.19 21.17
N PHE A 665 -20.05 6.34 22.40
CA PHE A 665 -21.42 6.79 22.62
C PHE A 665 -21.66 8.11 21.88
N ASP A 666 -22.71 8.13 21.06
CA ASP A 666 -23.02 9.35 20.33
C ASP A 666 -22.86 10.61 21.17
N ARG A 667 -22.87 10.43 22.50
CA ARG A 667 -22.70 11.54 23.41
C ARG A 667 -21.27 12.07 23.42
N GLU A 668 -21.10 13.31 23.88
CA GLU A 668 -19.80 13.94 23.96
C GLU A 668 -19.11 13.57 25.27
N PHE A 669 -18.50 12.38 25.27
CA PHE A 669 -17.78 11.90 26.43
C PHE A 669 -16.80 10.79 26.03
N THR A 670 -15.85 11.15 25.18
CA THR A 670 -14.86 10.21 24.70
C THR A 670 -13.80 9.89 25.75
N PHE A 671 -13.10 8.77 25.55
CA PHE A 671 -12.06 8.31 26.44
C PHE A 671 -10.86 7.80 25.65
N GLY A 672 -9.75 7.57 26.34
CA GLY A 672 -8.54 7.07 25.72
C GLY A 672 -8.66 5.58 25.39
N TRP A 673 -7.77 5.11 24.53
CA TRP A 673 -7.78 3.71 24.11
C TRP A 673 -7.73 2.77 25.32
N ASP A 674 -6.94 3.17 26.33
CA ASP A 674 -6.84 2.38 27.57
C ASP A 674 -7.49 3.10 28.73
N GLU A 675 -7.81 4.41 28.64
CA GLU A 675 -8.89 5.00 29.48
C GLU A 675 -10.28 4.37 29.24
N LEU A 676 -10.65 4.09 28.00
CA LEU A 676 -11.83 3.24 27.80
C LEU A 676 -11.59 1.87 28.43
N LEU A 677 -10.50 1.19 28.08
CA LEU A 677 -10.31 -0.21 28.54
C LEU A 677 -10.06 -0.37 30.05
N SER A 678 -9.15 0.42 30.61
CA SER A 678 -8.80 0.38 32.05
C SER A 678 -9.96 0.69 32.98
N LYS A 679 -10.58 1.87 32.78
CA LYS A 679 -11.54 2.49 33.72
C LYS A 679 -13.03 2.38 33.27
N VAL A 680 -13.35 2.65 32.01
CA VAL A 680 -14.73 2.49 31.59
C VAL A 680 -15.18 1.02 31.68
N ILE A 681 -14.30 0.09 31.30
CA ILE A 681 -14.69 -1.33 31.06
C ILE A 681 -14.17 -2.25 32.15
N GLU A 682 -12.90 -2.08 32.52
CA GLU A 682 -12.29 -2.96 33.50
C GLU A 682 -12.60 -2.60 34.94
N GLU A 683 -13.10 -1.37 35.19
CA GLU A 683 -13.50 -0.91 36.53
C GLU A 683 -15.04 -0.80 36.64
N LYS A 684 -15.60 0.26 36.09
CA LYS A 684 -16.97 0.70 36.37
C LYS A 684 -18.06 -0.15 35.69
N TYR A 685 -17.70 -0.77 34.58
CA TYR A 685 -18.64 -1.62 33.85
C TYR A 685 -18.82 -2.92 34.61
N ALA A 701 -33.15 -2.16 35.48
CA ALA A 701 -34.14 -1.27 36.13
C ALA A 701 -33.42 -0.23 36.99
N PHE A 702 -32.43 -0.69 37.74
CA PHE A 702 -31.65 0.19 38.59
C PHE A 702 -30.79 1.11 37.72
N ILE A 703 -30.21 0.55 36.67
CA ILE A 703 -29.39 1.32 35.75
C ILE A 703 -30.28 2.15 34.83
N TYR A 704 -31.47 1.63 34.55
CA TYR A 704 -32.44 2.33 33.71
C TYR A 704 -32.89 3.62 34.39
N LYS A 705 -33.09 3.54 35.70
CA LYS A 705 -33.50 4.70 36.48
C LYS A 705 -32.29 5.61 36.73
N LEU A 706 -31.10 5.02 36.73
CA LEU A 706 -29.87 5.77 36.94
C LEU A 706 -29.75 6.88 35.91
N LEU A 707 -29.97 6.53 34.66
CA LEU A 707 -29.92 7.50 33.56
C LEU A 707 -30.84 8.66 33.85
N GLU A 708 -32.11 8.34 34.12
CA GLU A 708 -33.13 9.37 34.44
C GLU A 708 -32.65 10.29 35.57
N LEU A 709 -31.91 9.78 36.53
CA LEU A 709 -31.20 10.66 37.44
C LEU A 709 -29.93 11.07 36.71
N LEU A 710 -29.92 12.28 36.19
CA LEU A 710 -28.68 12.96 35.84
C LEU A 710 -27.78 12.13 34.90
N PRO A 753 -15.53 14.11 37.62
CA PRO A 753 -16.13 14.18 36.26
C PRO A 753 -15.48 13.22 35.22
N THR A 754 -14.16 13.08 35.30
CA THR A 754 -13.44 12.05 34.58
C THR A 754 -14.02 10.68 34.94
N ASP A 755 -14.38 10.45 36.19
CA ASP A 755 -15.03 9.18 36.57
C ASP A 755 -16.52 9.16 36.26
N ALA A 756 -17.19 10.31 36.41
CA ALA A 756 -18.60 10.42 36.10
C ALA A 756 -18.85 10.13 34.64
N LYS A 757 -17.94 10.57 33.79
CA LYS A 757 -17.95 10.21 32.38
C LYS A 757 -17.81 8.71 32.26
N GLN A 758 -16.72 8.17 32.81
CA GLN A 758 -16.42 6.73 32.66
C GLN A 758 -17.48 5.85 33.30
N LEU A 759 -18.23 6.43 34.23
CA LEU A 759 -19.38 5.77 34.83
C LEU A 759 -20.57 5.91 33.88
N LYS A 760 -20.89 7.16 33.48
CA LYS A 760 -21.94 7.52 32.47
C LYS A 760 -22.06 6.48 31.36
N THR A 761 -20.93 6.21 30.71
CA THR A 761 -20.86 5.26 29.60
C THR A 761 -20.97 3.80 30.09
N ALA A 762 -20.20 3.45 31.13
CA ALA A 762 -20.19 2.08 31.66
C ALA A 762 -21.62 1.57 31.82
N LEU A 763 -22.47 2.41 32.40
CA LEU A 763 -23.90 2.12 32.53
C LEU A 763 -24.49 1.98 31.13
N HIS A 764 -24.27 2.95 30.26
CA HIS A 764 -24.72 2.80 28.89
C HIS A 764 -24.29 1.50 28.26
N LEU A 765 -23.08 1.06 28.56
CA LEU A 765 -22.65 -0.24 28.12
C LEU A 765 -23.45 -1.39 28.76
N TYR A 766 -23.56 -1.33 30.08
CA TYR A 766 -24.31 -2.29 30.88
C TYR A 766 -25.71 -2.54 30.30
N ILE A 767 -26.39 -1.42 30.01
CA ILE A 767 -27.74 -1.41 29.46
C ILE A 767 -27.74 -2.18 28.17
N TYR A 768 -26.83 -1.77 27.29
CA TYR A 768 -26.82 -2.22 25.93
C TYR A 768 -26.52 -3.70 25.88
N ARG A 769 -25.74 -4.19 26.84
CA ARG A 769 -25.47 -5.62 26.93
C ARG A 769 -26.70 -6.49 27.26
N THR A 770 -27.85 -5.88 27.60
CA THR A 770 -28.99 -6.68 28.05
C THR A 770 -30.33 -6.46 27.31
N ARG A 771 -30.68 -5.22 26.94
CA ARG A 771 -32.00 -4.98 26.32
C ARG A 771 -32.24 -6.17 25.33
N LYS A 772 -33.30 -6.93 25.62
CA LYS A 772 -33.90 -7.96 24.73
C LYS A 772 -32.98 -9.15 24.49
PG DTP B . -10.01 15.23 1.32
O1G DTP B . -11.27 15.44 0.52
O2G DTP B . -9.16 16.48 1.34
O3G DTP B . -9.21 13.98 0.92
PB DTP B . -11.90 14.51 3.52
O1B DTP B . -12.72 15.59 4.21
O2B DTP B . -11.55 13.33 4.42
O3B DTP B . -10.49 15.07 2.88
PA DTP B . -12.54 12.58 1.49
O1A DTP B . -13.89 12.31 0.88
O2A DTP B . -11.25 12.53 0.69
O3A DTP B . -12.71 14.04 2.21
O5' DTP B . -12.43 11.57 2.76
C5' DTP B . -11.48 10.52 2.82
C4' DTP B . -12.23 9.32 3.43
O4' DTP B . -12.83 8.40 2.50
C3' DTP B . -11.29 8.49 4.28
O3' DTP B . -11.60 8.94 5.59
C2' DTP B . -11.66 7.04 4.04
C1' DTP B . -12.78 7.04 3.00
N9 DTP B . -12.52 6.08 1.85
C8 DTP B . -11.40 6.30 1.13
N7 DTP B . -11.28 5.41 0.12
C5 DTP B . -12.32 4.59 0.20
C6 DTP B . -12.70 3.45 -0.61
N6 DTP B . -11.88 3.14 -1.64
N1 DTP B . -13.84 2.78 -0.32
C2 DTP B . -14.61 3.16 0.73
N3 DTP B . -14.33 4.23 1.54
C4 DTP B . -13.19 5.00 1.33
PG DTP C . -5.53 14.09 10.93
O1G DTP C . -5.90 12.67 10.79
O2G DTP C . -5.30 14.43 12.38
O3G DTP C . -6.39 15.10 10.19
PB DTP C . -3.67 13.10 9.08
O1B DTP C . -3.41 11.84 9.79
O2B DTP C . -2.50 13.51 8.30
O3B DTP C . -4.08 14.18 10.20
PA DTP C . -5.48 11.47 7.72
O1A DTP C . -5.77 10.59 8.93
O2A DTP C . -6.50 11.63 6.59
O3A DTP C . -5.01 12.95 8.21
O5' DTP C . -4.14 10.90 7.06
C5' DTP C . -4.01 10.72 5.65
C4' DTP C . -2.63 11.08 5.18
O4' DTP C . -1.75 10.05 5.51
C3' DTP C . -2.59 11.25 3.67
O3' DTP C . -2.22 12.60 3.32
C2' DTP C . -1.61 10.25 3.10
C1' DTP C . -1.05 9.59 4.34
N9 DTP C . -1.16 8.13 4.24
C8 DTP C . -2.14 7.39 4.77
N7 DTP C . -1.94 6.07 4.51
C5 DTP C . -0.80 5.96 3.83
C6 DTP C . 0.01 4.84 3.30
N6 DTP C . -0.38 3.56 3.43
N1 DTP C . 1.15 5.15 2.63
C2 DTP C . 1.54 6.44 2.48
N3 DTP C . 0.88 7.51 2.96
C4 DTP C . -0.28 7.32 3.63
MG MG D . -5.42 10.86 10.50
MG MG E . -7.30 9.31 5.98
#